data_5SXI
#
_entry.id   5SXI
#
_cell.length_a   114.155
_cell.length_b   116.766
_cell.length_c   150.546
_cell.angle_alpha   90.000
_cell.angle_beta   90.000
_cell.angle_gamma   90.000
#
_symmetry.space_group_name_H-M   'P 21 21 21'
#
loop_
_entity.id
_entity.type
_entity.pdbx_description
1 polymer 'Phosphatidylinositol 4,5-bisphosphate 3-kinase catalytic subunit alpha isoform'
2 polymer 'Phosphatidylinositol 3-kinase regulatory subunit alpha'
3 non-polymer trans-cyclohexane-1,4-diol
#
loop_
_entity_poly.entity_id
_entity_poly.type
_entity_poly.pdbx_seq_one_letter_code
_entity_poly.pdbx_strand_id
1 'polypeptide(L)'
;MSYYHHHHHHDYDIPTTENLYFQGAMGSMPPRPS(SEP)GELWGIHLMPPRILVECLLPNGMIVTLECLREATLITIKHE
LFKEARKYPLHQLLQDESSYIFVSVTQEAEREEFFDETRRLCDLRLFQPFLKVIEPVGNREEKILNREIGFAIGMPVCEF
DMVKDPEVQDFRRNILNVCKEAVDLRDLNSPHSRAMYVYPPNVESSPELPKHIYNKLDKGQIIVVIWVIVSPNNDKQKYT
LKINHDCVPEQVIAEAIRKKTRSMLLSSEQLKLCVLEYQGKYILKVCGCDEYFLEKYPLSQYKYIRSCIMLGRMPNLMLM
AKESLYSQLPMDCFTMPSYSRRISTATPYMNGETSTKSLWVINSALRIKILCATYVNVNIRDIDKIYVRTGIYHGGEPLC
DNVNTQRVPCSNPRWNEWLNYDIYIPDLPRAARLCLSICSVKGRKGAKEEHCPLAWGNINLFDYTDTLVSGKMALNLWPV
PHGLEDLLNPIGVTGSNPNKETPCLELEFDWFSSVVKFPDMSVIEEHANWSVSREAGFSYSHAGLSNRLARDNELRENDK
EQLKAISTRDPLSEITEQEKDFLWSHRHYCVTIPEILPKLLLSVKWNSRDEVAQMYCLVKDWPPIKPEQAMELLDCNYPD
PMVRGFAVRCLEKYLTDDKLSQYLIQLVQVLKYEQYLDNLLVRFLLKKALTNQRIGHFFFWHLKSEMHNKTVSQRFGLLL
ESYCRACGMYLKHLNRQVEAMEKLINLTDILKQEKKDETQKVQMKFLVEQMRRPDFMDALQGFLSPLNPAHQLGNLRLEE
CRIMSSAKRPLWLNWENPDIM(SEP)ELLFQNNEIIFKNGDDLRQDMLTLQIIRIMENIWQNQGLDLRMLPYGCLSIGDC
VGLIEVVRNSHTIMQIQCKGGLKGALQFNSHTLHQWLKDKNKGEIYDAAIDLFTRSCAGYCVATFILGIGDRHNSNIMVK
DDGQLFHIDFGHFLDHKKKKFGYKRERVPFVLTQDFLIVISKGAQECTKTREFERFQEMCYKAYLAIRQHANLFINLFSM
MLGSGMPELQSFDDIAYIRKTLALDKTEQEALEYFMKQMNDAHHGGWTTKMDWIFHTIKQHALN
;
A
2 'polypeptide(L)'
;MNNNMSLQDAEWYWGDISREEVNEKLRDTADGTFLVRDASTKMHGDYTLTLRKGGNNKLIKIFHRDGKYGFSDPLTFSSV
VELINHYRNESLAQYNPKLDVKLLYPVSKYQQDQVVKEDNIEAVGKKLHEYNTQFQEKSREYDRLYEEYTRTSQEIQMKR
TAIEAFNETIKIFEEQCQTQERYSKEYIEKFKREGNEKEIQRIMHNYDKLKSRISEIIDSRRRLEEDLKKQAAEYREIDK
RMNSIKPDLIQLRKTRDQYLMWLTQKGVRQKKLNEWLGN
;
B
#
# COMPACT_ATOMS: atom_id res chain seq x y z
N SER A 2 43.77 -31.61 -3.90
CA SER A 2 43.34 -31.88 -5.29
C SER A 2 42.02 -31.24 -5.58
N TYR A 3 41.05 -31.47 -4.67
CA TYR A 3 39.74 -30.83 -4.75
C TYR A 3 39.83 -29.33 -4.62
N TYR A 4 40.46 -28.88 -3.53
CA TYR A 4 40.48 -27.46 -3.15
C TYR A 4 41.92 -26.88 -3.03
N HIS A 5 42.85 -27.40 -3.83
CA HIS A 5 44.30 -27.15 -3.66
C HIS A 5 44.72 -27.06 -2.17
N HIS A 6 44.12 -27.91 -1.34
CA HIS A 6 44.32 -27.92 0.10
C HIS A 6 44.34 -26.52 0.74
N HIS A 7 43.44 -25.64 0.29
CA HIS A 7 43.29 -24.32 0.89
C HIS A 7 42.31 -24.41 2.05
N HIS A 8 42.79 -24.01 3.22
CA HIS A 8 41.99 -24.01 4.44
C HIS A 8 41.31 -22.67 4.58
N HIS A 9 39.98 -22.68 4.69
CA HIS A 9 39.23 -21.53 5.17
C HIS A 9 39.22 -21.60 6.70
N HIS A 10 40.15 -20.89 7.32
CA HIS A 10 40.35 -20.93 8.77
C HIS A 10 39.20 -20.24 9.50
N ASP A 11 38.69 -19.15 8.91
CA ASP A 11 37.55 -18.38 9.44
C ASP A 11 36.28 -19.24 9.65
N TYR A 12 35.98 -20.12 8.71
CA TYR A 12 34.70 -20.85 8.67
C TYR A 12 34.44 -21.67 9.92
N ASP A 13 33.24 -21.55 10.48
CA ASP A 13 32.86 -22.33 11.64
C ASP A 13 31.36 -22.68 11.58
N ILE A 14 31.08 -23.98 11.42
CA ILE A 14 29.74 -24.58 11.58
C ILE A 14 28.83 -24.13 12.76
N PRO A 15 29.39 -23.77 13.96
CA PRO A 15 28.47 -23.25 15.00
C PRO A 15 28.08 -21.79 14.77
N PRO A 33 9.00 -8.59 15.56
CA PRO A 33 7.79 -9.29 16.04
C PRO A 33 7.12 -8.60 17.23
N SER A 34 5.88 -8.12 17.05
CA SER A 34 5.08 -7.56 18.16
C SER A 34 4.54 -8.67 19.05
N GLY A 36 2.11 -10.45 22.18
CA GLY A 36 0.73 -10.87 22.17
C GLY A 36 -0.02 -10.58 23.43
N GLU A 37 -0.32 -11.63 24.18
CA GLU A 37 -1.35 -11.59 25.21
C GLU A 37 -0.90 -10.98 26.53
N LEU A 38 0.42 -10.86 26.69
CA LEU A 38 1.02 -10.22 27.86
C LEU A 38 2.42 -9.83 27.42
N TRP A 39 3.07 -8.93 28.16
CA TRP A 39 4.40 -8.46 27.77
C TRP A 39 5.43 -9.60 27.78
N GLY A 40 6.20 -9.70 26.70
CA GLY A 40 7.31 -10.64 26.62
C GLY A 40 6.94 -12.12 26.53
N ILE A 41 5.65 -12.41 26.32
CA ILE A 41 5.14 -13.78 26.23
C ILE A 41 4.03 -13.77 25.16
N HIS A 42 4.02 -14.72 24.25
CA HIS A 42 3.01 -14.74 23.16
C HIS A 42 1.56 -15.09 23.58
N LEU A 43 1.43 -16.05 24.49
CA LEU A 43 0.16 -16.74 24.76
C LEU A 43 0.08 -17.00 26.25
N MET A 44 -0.81 -16.31 26.96
CA MET A 44 -0.74 -16.41 28.40
C MET A 44 -1.06 -17.86 28.84
N PRO A 45 -0.37 -18.35 29.88
CA PRO A 45 -0.63 -19.63 30.55
C PRO A 45 -2.10 -19.92 30.80
N PRO A 46 -2.53 -21.17 30.62
CA PRO A 46 -3.97 -21.50 30.77
C PRO A 46 -4.63 -21.07 32.10
N ARG A 47 -3.83 -21.04 33.16
CA ARG A 47 -4.22 -20.62 34.48
C ARG A 47 -3.17 -19.59 34.88
N ILE A 48 -3.59 -18.54 35.57
CA ILE A 48 -2.70 -17.39 35.84
C ILE A 48 -3.13 -16.59 37.09
N LEU A 49 -2.16 -15.88 37.66
CA LEU A 49 -2.40 -15.10 38.87
C LEU A 49 -2.45 -13.62 38.53
N VAL A 50 -3.53 -12.95 38.92
CA VAL A 50 -3.70 -11.51 38.63
C VAL A 50 -3.93 -10.68 39.89
N GLU A 51 -3.11 -9.65 40.06
CA GLU A 51 -3.17 -8.81 41.24
C GLU A 51 -4.32 -7.83 41.10
N CYS A 52 -5.27 -7.90 42.03
CA CYS A 52 -6.41 -7.01 42.02
C CYS A 52 -6.24 -5.88 43.03
N LEU A 53 -5.91 -4.69 42.52
CA LEU A 53 -5.75 -3.48 43.32
C LEU A 53 -7.12 -2.85 43.60
N LEU A 54 -7.54 -2.89 44.87
CA LEU A 54 -8.89 -2.45 45.29
C LEU A 54 -8.95 -0.96 45.74
N PRO A 55 -10.18 -0.40 45.88
CA PRO A 55 -10.35 1.00 46.35
C PRO A 55 -9.88 1.23 47.78
N ASN A 56 -9.91 0.16 48.58
CA ASN A 56 -9.44 0.17 49.96
C ASN A 56 -7.92 -0.09 50.14
N GLY A 57 -7.13 -0.02 49.06
CA GLY A 57 -5.69 -0.22 49.16
C GLY A 57 -5.18 -1.66 49.35
N MET A 58 -6.11 -2.63 49.36
CA MET A 58 -5.78 -4.06 49.48
C MET A 58 -5.48 -4.70 48.12
N ILE A 59 -4.40 -5.47 48.01
CA ILE A 59 -4.18 -6.35 46.86
C ILE A 59 -4.72 -7.74 47.22
N VAL A 60 -5.52 -8.35 46.35
CA VAL A 60 -5.75 -9.80 46.42
C VAL A 60 -5.36 -10.41 45.07
N THR A 61 -4.46 -11.38 45.11
CA THR A 61 -4.02 -12.11 43.93
C THR A 61 -5.03 -13.21 43.67
N LEU A 62 -5.72 -13.13 42.54
CA LEU A 62 -6.71 -14.12 42.10
C LEU A 62 -6.05 -15.10 41.13
N GLU A 63 -6.23 -16.40 41.35
CA GLU A 63 -5.89 -17.37 40.34
C GLU A 63 -7.12 -17.54 39.48
N CYS A 64 -6.93 -17.48 38.17
CA CYS A 64 -8.07 -17.51 37.25
C CYS A 64 -7.61 -17.82 35.85
N LEU A 65 -8.54 -18.32 35.05
CA LEU A 65 -8.17 -18.86 33.76
C LEU A 65 -7.95 -17.78 32.68
N ARG A 66 -6.89 -17.97 31.89
CA ARG A 66 -6.60 -17.23 30.65
C ARG A 66 -7.80 -16.69 29.92
N GLU A 67 -8.82 -17.54 29.80
CA GLU A 67 -9.97 -17.32 28.93
C GLU A 67 -11.18 -16.63 29.65
N ALA A 68 -11.02 -16.32 30.94
CA ALA A 68 -12.11 -15.84 31.80
C ALA A 68 -12.46 -14.40 31.54
N THR A 69 -13.76 -14.10 31.53
CA THR A 69 -14.23 -12.72 31.41
C THR A 69 -14.02 -11.92 32.68
N LEU A 70 -14.02 -10.61 32.52
CA LEU A 70 -13.93 -9.67 33.64
C LEU A 70 -15.19 -9.72 34.52
N ILE A 71 -16.35 -10.02 33.92
CA ILE A 71 -17.58 -10.29 34.67
C ILE A 71 -17.31 -11.37 35.68
N THR A 72 -16.72 -12.46 35.19
CA THR A 72 -16.40 -13.60 36.04
C THR A 72 -15.31 -13.25 37.04
N ILE A 73 -14.25 -12.60 36.58
CA ILE A 73 -13.17 -12.20 37.47
C ILE A 73 -13.67 -11.23 38.53
N LYS A 74 -14.45 -10.23 38.13
CA LYS A 74 -14.99 -9.25 39.08
C LYS A 74 -15.85 -9.98 40.09
N HIS A 75 -16.83 -10.73 39.59
CA HIS A 75 -17.78 -11.48 40.43
C HIS A 75 -17.07 -12.35 41.47
N GLU A 76 -15.96 -12.97 41.08
CA GLU A 76 -15.14 -13.75 42.01
C GLU A 76 -14.33 -12.81 42.92
N LEU A 77 -13.83 -11.69 42.41
CA LEU A 77 -12.97 -10.80 43.22
C LEU A 77 -13.67 -10.27 44.45
N PHE A 78 -14.94 -9.90 44.29
CA PHE A 78 -15.72 -9.36 45.41
C PHE A 78 -16.30 -10.44 46.33
N LYS A 79 -16.18 -11.70 45.93
CA LYS A 79 -16.33 -12.79 46.89
C LYS A 79 -15.04 -12.95 47.66
N GLU A 80 -13.91 -13.07 46.97
CA GLU A 80 -12.62 -13.23 47.65
C GLU A 80 -12.15 -12.01 48.47
N ALA A 81 -12.65 -10.81 48.15
CA ALA A 81 -12.25 -9.60 48.89
C ALA A 81 -12.82 -9.64 50.32
N ARG A 82 -14.10 -9.96 50.48
CA ARG A 82 -14.72 -10.26 51.78
C ARG A 82 -13.80 -10.96 52.77
N LYS A 83 -12.99 -11.90 52.28
CA LYS A 83 -12.02 -12.61 53.10
C LYS A 83 -10.67 -11.87 53.21
N TYR A 84 -10.66 -10.55 53.07
CA TYR A 84 -9.49 -9.72 53.36
C TYR A 84 -9.94 -8.49 54.19
N PRO A 85 -8.99 -7.84 54.90
CA PRO A 85 -9.41 -6.74 55.79
C PRO A 85 -9.95 -5.51 55.07
N LEU A 86 -10.70 -4.70 55.81
CA LEU A 86 -11.38 -3.50 55.29
C LEU A 86 -12.50 -3.76 54.26
N HIS A 87 -13.20 -4.91 54.33
CA HIS A 87 -14.30 -5.24 53.41
C HIS A 87 -15.40 -4.17 53.34
N GLN A 88 -15.85 -3.72 54.51
CA GLN A 88 -16.91 -2.69 54.59
C GLN A 88 -16.60 -1.38 53.83
N LEU A 89 -15.30 -1.11 53.56
CA LEU A 89 -14.90 0.03 52.71
C LEU A 89 -15.04 -0.21 51.17
N LEU A 90 -15.65 -1.32 50.75
CA LEU A 90 -15.94 -1.55 49.33
C LEU A 90 -17.41 -1.40 49.10
N GLN A 91 -17.77 -0.78 47.98
CA GLN A 91 -19.18 -0.67 47.55
C GLN A 91 -19.62 -2.01 46.96
N ASP A 92 -20.85 -2.09 46.47
CA ASP A 92 -21.26 -3.20 45.61
C ASP A 92 -20.27 -3.28 44.43
N GLU A 93 -20.06 -4.49 43.93
CA GLU A 93 -19.17 -4.72 42.77
C GLU A 93 -19.60 -3.88 41.56
N SER A 94 -20.91 -3.80 41.31
CA SER A 94 -21.48 -3.01 40.21
C SER A 94 -21.08 -1.52 40.20
N SER A 95 -20.68 -0.98 41.35
CA SER A 95 -20.11 0.36 41.43
C SER A 95 -18.71 0.49 40.83
N TYR A 96 -18.13 -0.58 40.28
CA TYR A 96 -16.75 -0.53 39.80
C TYR A 96 -16.50 -1.02 38.36
N ILE A 97 -15.36 -0.58 37.82
CA ILE A 97 -14.90 -0.94 36.45
C ILE A 97 -13.39 -1.25 36.53
N PHE A 98 -12.92 -2.32 35.89
CA PHE A 98 -11.50 -2.64 35.97
C PHE A 98 -10.70 -1.64 35.15
N VAL A 99 -9.43 -1.50 35.47
CA VAL A 99 -8.49 -0.65 34.67
C VAL A 99 -7.08 -1.18 34.86
N SER A 100 -6.26 -1.08 33.82
CA SER A 100 -4.86 -1.52 33.90
C SER A 100 -4.01 -0.85 32.86
N VAL A 101 -2.70 -1.00 32.99
CA VAL A 101 -1.74 -0.56 31.97
C VAL A 101 -1.70 -1.60 30.88
N THR A 102 -1.88 -1.17 29.62
CA THR A 102 -1.81 -2.05 28.44
C THR A 102 -0.40 -2.03 27.79
N GLN A 103 -0.22 -2.78 26.70
CA GLN A 103 1.08 -2.87 26.03
C GLN A 103 1.41 -1.66 25.17
N GLU A 104 0.38 -0.96 24.70
CA GLU A 104 0.57 0.39 24.15
C GLU A 104 0.84 1.42 25.25
N ALA A 105 0.91 0.99 26.52
CA ALA A 105 1.43 1.76 27.66
C ALA A 105 0.52 2.90 28.15
N GLU A 106 -0.79 2.78 27.90
CA GLU A 106 -1.76 3.76 28.36
C GLU A 106 -2.61 3.09 29.41
N ARG A 107 -3.30 3.88 30.23
CA ARG A 107 -4.20 3.33 31.25
C ARG A 107 -5.61 3.08 30.70
N GLU A 108 -5.86 1.87 30.20
CA GLU A 108 -7.18 1.57 29.61
C GLU A 108 -8.23 1.18 30.65
N GLU A 109 -9.41 1.84 30.60
CA GLU A 109 -10.56 1.44 31.42
C GLU A 109 -11.30 0.34 30.65
N PHE A 110 -11.76 -0.67 31.38
CA PHE A 110 -12.32 -1.90 30.80
C PHE A 110 -13.82 -1.93 31.01
N PHE A 111 -14.52 -1.31 30.05
CA PHE A 111 -15.98 -1.13 30.07
C PHE A 111 -16.71 -2.37 29.61
N ASP A 112 -16.26 -2.96 28.50
CA ASP A 112 -16.90 -4.16 27.93
C ASP A 112 -16.45 -5.39 28.71
N GLU A 113 -17.10 -5.63 29.84
CA GLU A 113 -16.64 -6.62 30.82
C GLU A 113 -16.84 -8.06 30.33
N THR A 114 -17.54 -8.22 29.20
CA THR A 114 -17.60 -9.50 28.45
C THR A 114 -16.25 -9.95 27.89
N ARG A 115 -15.32 -8.99 27.73
CA ARG A 115 -13.94 -9.25 27.26
C ARG A 115 -13.15 -10.22 28.13
N ARG A 116 -12.32 -11.02 27.47
CA ARG A 116 -11.55 -12.04 28.16
C ARG A 116 -10.16 -11.54 28.56
N LEU A 117 -9.69 -12.02 29.71
CA LEU A 117 -8.39 -11.67 30.24
C LEU A 117 -7.23 -11.79 29.22
N CYS A 118 -7.26 -12.79 28.34
CA CYS A 118 -6.23 -12.89 27.28
C CYS A 118 -6.32 -11.82 26.20
N ASP A 119 -7.55 -11.41 25.90
CA ASP A 119 -7.80 -10.45 24.85
C ASP A 119 -7.59 -8.98 25.24
N LEU A 120 -7.14 -8.67 26.47
CA LEU A 120 -7.01 -7.27 26.93
C LEU A 120 -5.71 -6.56 26.56
N ARG A 121 -4.69 -7.32 26.15
CA ARG A 121 -3.41 -6.74 25.75
C ARG A 121 -2.77 -6.08 26.97
N LEU A 122 -2.52 -6.89 28.00
CA LEU A 122 -2.40 -6.39 29.36
C LEU A 122 -1.03 -5.97 29.90
N PHE A 123 0.07 -6.27 29.22
CA PHE A 123 1.45 -5.95 29.73
C PHE A 123 1.86 -6.64 31.06
N GLN A 124 1.35 -6.18 32.21
CA GLN A 124 1.46 -6.95 33.47
C GLN A 124 0.08 -7.48 33.86
N PRO A 125 0.00 -8.71 34.42
CA PRO A 125 -1.29 -9.31 34.75
C PRO A 125 -1.82 -8.76 36.09
N PHE A 126 -2.56 -7.65 36.00
CA PHE A 126 -3.15 -7.01 37.15
C PHE A 126 -4.29 -6.10 36.76
N LEU A 127 -5.18 -5.88 37.70
CA LEU A 127 -6.44 -5.19 37.45
C LEU A 127 -6.71 -4.26 38.62
N LYS A 128 -6.68 -2.95 38.38
CA LYS A 128 -7.09 -1.98 39.40
C LYS A 128 -8.61 -1.69 39.31
N VAL A 129 -9.21 -1.55 40.49
CA VAL A 129 -10.65 -1.40 40.68
C VAL A 129 -10.95 0.07 40.94
N ILE A 130 -11.87 0.64 40.18
CA ILE A 130 -12.21 2.06 40.30
C ILE A 130 -13.70 2.29 40.06
N GLU A 131 -14.19 3.44 40.50
CA GLU A 131 -15.52 3.89 40.11
C GLU A 131 -15.28 4.70 38.83
N PRO A 132 -16.18 4.61 37.82
CA PRO A 132 -15.81 5.10 36.48
C PRO A 132 -15.62 6.62 36.40
N VAL A 133 -14.46 7.05 35.89
CA VAL A 133 -14.11 8.47 35.82
C VAL A 133 -15.15 9.30 35.05
N GLY A 134 -15.36 8.98 33.77
CA GLY A 134 -16.04 9.89 32.85
C GLY A 134 -17.53 9.70 32.94
N ASN A 135 -18.26 10.81 33.12
CA ASN A 135 -19.72 10.80 33.03
C ASN A 135 -20.19 10.31 31.67
N ARG A 136 -19.41 10.63 30.63
CA ARG A 136 -19.65 10.13 29.28
C ARG A 136 -18.84 8.85 29.08
N GLU A 137 -19.47 7.73 29.41
CA GLU A 137 -18.95 6.39 29.13
C GLU A 137 -18.98 6.14 27.62
N GLU A 138 -19.98 6.72 26.94
CA GLU A 138 -20.12 6.66 25.48
C GLU A 138 -18.86 7.16 24.79
N LYS A 139 -18.36 8.29 25.28
CA LYS A 139 -17.22 8.98 24.69
C LYS A 139 -15.92 8.20 24.87
N ILE A 140 -15.80 7.43 25.96
CA ILE A 140 -14.56 6.66 26.19
C ILE A 140 -14.63 5.31 25.42
N LEU A 141 -15.56 5.20 24.45
CA LEU A 141 -15.44 4.29 23.29
C LEU A 141 -14.92 5.08 22.02
N ASN A 142 -13.85 5.82 22.31
CA ASN A 142 -12.67 6.03 21.48
C ASN A 142 -11.81 4.80 21.51
N ARG A 143 -11.97 3.95 22.53
CA ARG A 143 -11.22 2.67 22.61
C ARG A 143 -11.43 1.87 21.31
N GLU A 144 -12.70 1.78 20.90
CA GLU A 144 -13.09 1.07 19.68
C GLU A 144 -12.30 1.60 18.49
N ILE A 145 -12.19 2.91 18.40
CA ILE A 145 -11.44 3.56 17.33
C ILE A 145 -9.93 3.19 17.33
N GLY A 146 -9.24 3.43 18.42
CA GLY A 146 -7.82 3.11 18.52
C GLY A 146 -7.48 1.62 18.55
N PHE A 147 -8.48 0.77 18.74
CA PHE A 147 -8.28 -0.67 18.53
C PHE A 147 -8.26 -0.90 17.01
N ALA A 148 -9.35 -0.52 16.35
CA ALA A 148 -9.40 -0.51 14.89
C ALA A 148 -8.09 0.05 14.32
N ILE A 149 -7.63 1.18 14.86
CA ILE A 149 -6.43 1.87 14.33
C ILE A 149 -5.13 1.21 14.76
N GLY A 150 -5.12 0.61 15.93
CA GLY A 150 -3.90 0.04 16.49
C GLY A 150 -2.98 1.11 17.00
N MET A 151 -3.55 2.07 17.72
CA MET A 151 -2.85 3.08 18.52
C MET A 151 -3.91 3.95 19.19
N PRO A 152 -3.71 4.27 20.48
CA PRO A 152 -4.81 4.83 21.26
C PRO A 152 -5.08 6.26 20.83
N VAL A 153 -6.33 6.69 20.90
CA VAL A 153 -6.70 8.00 20.38
C VAL A 153 -6.00 9.09 21.21
N CYS A 154 -5.89 8.88 22.52
CA CYS A 154 -5.18 9.81 23.42
C CYS A 154 -3.76 10.16 22.98
N GLU A 155 -3.12 9.25 22.27
CA GLU A 155 -1.83 9.51 21.62
C GLU A 155 -1.85 10.69 20.61
N PHE A 156 -3.02 11.06 20.09
CA PHE A 156 -3.14 12.25 19.22
C PHE A 156 -3.40 13.56 19.98
N ASP A 157 -4.15 13.49 21.08
CA ASP A 157 -4.54 14.70 21.80
C ASP A 157 -3.35 15.42 22.41
N MET A 158 -2.30 14.67 22.73
CA MET A 158 -1.07 15.25 23.26
C MET A 158 0.02 15.34 22.19
N VAL A 159 -0.39 15.65 20.96
CA VAL A 159 0.53 16.10 19.91
C VAL A 159 0.40 17.63 19.89
N LYS A 160 1.54 18.33 19.97
CA LYS A 160 1.55 19.79 20.16
C LYS A 160 1.18 20.46 18.85
N ASP A 161 1.98 20.14 17.81
CA ASP A 161 1.78 20.52 16.38
C ASP A 161 0.37 21.05 16.04
N PRO A 162 0.28 22.31 15.59
CA PRO A 162 -1.06 22.79 15.23
C PRO A 162 -1.64 22.02 14.06
N GLU A 163 -0.84 21.82 13.01
CA GLU A 163 -1.34 21.18 11.79
C GLU A 163 -2.19 19.94 12.10
N VAL A 164 -1.68 19.12 13.03
CA VAL A 164 -2.31 17.87 13.39
C VAL A 164 -3.67 18.15 14.00
N GLN A 165 -3.67 18.97 15.04
CA GLN A 165 -4.91 19.45 15.67
C GLN A 165 -5.86 20.08 14.66
N ASP A 166 -5.29 20.87 13.76
CA ASP A 166 -6.07 21.55 12.72
C ASP A 166 -6.68 20.58 11.73
N PHE A 167 -5.87 19.66 11.22
CA PHE A 167 -6.41 18.53 10.47
C PHE A 167 -7.63 17.94 11.18
N ARG A 168 -7.46 17.57 12.45
CA ARG A 168 -8.47 16.77 13.15
C ARG A 168 -9.78 17.51 13.23
N ARG A 169 -9.70 18.81 13.55
CA ARG A 169 -10.90 19.63 13.70
C ARG A 169 -11.51 19.94 12.33
N ASN A 170 -10.69 20.39 11.38
CA ASN A 170 -11.17 20.66 10.02
C ASN A 170 -11.70 19.44 9.22
N ILE A 171 -11.17 18.24 9.45
CA ILE A 171 -11.58 17.12 8.62
C ILE A 171 -13.01 16.70 8.97
N LEU A 172 -13.47 17.04 10.16
CA LEU A 172 -14.86 16.73 10.56
C LEU A 172 -15.88 17.38 9.64
N ASN A 173 -15.54 18.53 9.04
CA ASN A 173 -16.32 19.12 7.94
C ASN A 173 -16.76 18.04 6.98
N VAL A 174 -15.77 17.27 6.48
CA VAL A 174 -15.99 16.21 5.48
C VAL A 174 -16.85 15.06 5.98
N CYS A 175 -16.54 14.60 7.19
CA CYS A 175 -17.32 13.54 7.87
C CYS A 175 -18.80 13.89 8.03
N LYS A 176 -19.05 15.15 8.38
CA LYS A 176 -20.40 15.64 8.58
C LYS A 176 -21.10 15.58 7.23
N GLU A 177 -20.50 16.14 6.19
CA GLU A 177 -21.11 16.14 4.85
C GLU A 177 -21.44 14.72 4.32
N ALA A 178 -20.58 13.77 4.65
CA ALA A 178 -20.77 12.38 4.23
C ALA A 178 -22.01 11.83 4.89
N VAL A 179 -22.06 11.94 6.22
CA VAL A 179 -23.17 11.40 7.02
C VAL A 179 -24.50 12.05 6.62
N ASP A 180 -24.44 13.29 6.12
CA ASP A 180 -25.61 13.98 5.57
C ASP A 180 -26.12 13.30 4.31
N LEU A 181 -25.22 13.01 3.37
CA LEU A 181 -25.60 12.27 2.15
C LEU A 181 -26.28 10.91 2.43
N ARG A 182 -25.91 10.25 3.53
CA ARG A 182 -26.48 8.93 3.91
C ARG A 182 -27.94 8.90 4.40
N ASP A 183 -28.37 9.82 5.28
CA ASP A 183 -29.75 9.77 5.82
C ASP A 183 -30.72 10.62 5.01
N LEU A 184 -30.54 10.57 3.69
CA LEU A 184 -31.24 11.45 2.76
C LEU A 184 -32.59 10.80 2.43
N ASN A 185 -32.56 9.57 1.91
CA ASN A 185 -33.75 8.74 1.73
C ASN A 185 -33.66 7.45 2.57
N SER A 186 -33.41 7.64 3.87
CA SER A 186 -33.45 6.56 4.86
C SER A 186 -34.80 5.81 4.73
N PRO A 187 -34.82 4.48 4.64
CA PRO A 187 -33.68 3.60 4.87
C PRO A 187 -32.94 3.17 3.60
N HIS A 188 -33.38 3.62 2.42
CA HIS A 188 -32.82 3.13 1.17
C HIS A 188 -31.38 3.52 1.02
N SER A 189 -31.10 4.79 1.28
CA SER A 189 -29.75 5.32 1.14
C SER A 189 -28.80 4.67 2.15
N ARG A 190 -29.25 4.42 3.38
CA ARG A 190 -28.44 3.64 4.32
C ARG A 190 -28.09 2.30 3.67
N ALA A 191 -29.11 1.61 3.18
CA ALA A 191 -28.92 0.35 2.47
C ALA A 191 -28.03 0.52 1.24
N MET A 192 -28.23 1.61 0.55
CA MET A 192 -27.36 1.98 -0.53
C MET A 192 -25.87 2.17 -0.10
N TYR A 193 -25.64 2.76 1.09
CA TYR A 193 -24.27 2.92 1.63
C TYR A 193 -23.67 1.53 1.85
N VAL A 194 -24.18 0.84 2.86
CA VAL A 194 -23.73 -0.48 3.26
C VAL A 194 -23.49 -1.46 2.10
N TYR A 195 -24.43 -1.51 1.17
CA TYR A 195 -24.47 -2.60 0.20
C TYR A 195 -24.49 -2.04 -1.21
N PRO A 196 -23.49 -1.20 -1.51
CA PRO A 196 -23.58 -0.53 -2.80
C PRO A 196 -23.59 -1.55 -3.92
N PRO A 197 -24.35 -1.27 -4.97
CA PRO A 197 -24.50 -2.23 -6.07
C PRO A 197 -23.15 -2.57 -6.72
N ASN A 198 -22.81 -3.86 -6.85
CA ASN A 198 -21.54 -4.27 -7.48
C ASN A 198 -21.71 -4.40 -9.00
N VAL A 199 -21.38 -3.32 -9.69
CA VAL A 199 -21.71 -3.12 -11.09
C VAL A 199 -20.42 -2.98 -11.90
N GLU A 200 -20.34 -3.68 -13.05
CA GLU A 200 -19.25 -3.47 -14.03
C GLU A 200 -19.35 -2.05 -14.57
N SER A 201 -18.27 -1.61 -15.20
CA SER A 201 -18.10 -0.20 -15.59
C SER A 201 -19.21 0.36 -16.52
N SER A 202 -19.41 -0.36 -17.63
CA SER A 202 -20.29 0.02 -18.76
C SER A 202 -21.46 -0.98 -18.95
N PRO A 203 -22.68 -0.50 -19.29
CA PRO A 203 -23.80 -1.41 -19.59
C PRO A 203 -23.67 -2.12 -20.95
N GLU A 204 -22.96 -1.52 -21.90
CA GLU A 204 -22.61 -2.20 -23.17
C GLU A 204 -21.96 -3.54 -22.86
N LEU A 205 -22.32 -4.55 -23.64
CA LEU A 205 -21.85 -5.91 -23.45
C LEU A 205 -20.82 -6.16 -24.56
N PRO A 206 -19.70 -6.85 -24.25
CA PRO A 206 -18.79 -7.28 -25.32
C PRO A 206 -19.40 -8.30 -26.26
N LYS A 207 -18.92 -8.32 -27.50
CA LYS A 207 -19.52 -9.15 -28.53
C LYS A 207 -19.49 -10.65 -28.25
N HIS A 208 -18.40 -11.12 -27.63
CA HIS A 208 -18.29 -12.52 -27.23
C HIS A 208 -19.17 -12.92 -26.02
N ILE A 209 -19.53 -11.97 -25.15
CA ILE A 209 -20.44 -12.26 -24.02
C ILE A 209 -21.86 -12.37 -24.53
N TYR A 210 -22.26 -11.41 -25.39
CA TYR A 210 -23.60 -11.40 -26.00
C TYR A 210 -23.88 -12.76 -26.62
N ASN A 211 -23.03 -13.20 -27.55
CA ASN A 211 -23.22 -14.48 -28.25
C ASN A 211 -23.53 -15.69 -27.36
N LYS A 212 -23.19 -15.63 -26.06
CA LYS A 212 -23.60 -16.64 -25.08
C LYS A 212 -25.04 -16.48 -24.56
N LEU A 213 -25.93 -15.79 -25.30
CA LEU A 213 -27.25 -15.44 -24.75
C LEU A 213 -28.48 -15.87 -25.56
N ASP A 214 -28.30 -16.64 -26.64
CA ASP A 214 -29.39 -16.88 -27.62
C ASP A 214 -30.33 -15.66 -27.70
N LYS A 215 -29.79 -14.62 -28.34
CA LYS A 215 -30.52 -13.43 -28.72
C LYS A 215 -31.02 -12.67 -27.51
N GLY A 216 -30.08 -12.33 -26.63
CA GLY A 216 -30.29 -11.33 -25.58
C GLY A 216 -30.94 -11.74 -24.27
N GLN A 217 -31.03 -13.05 -24.03
CA GLN A 217 -31.81 -13.54 -22.89
C GLN A 217 -31.05 -14.57 -22.06
N ILE A 218 -31.22 -14.49 -20.76
CA ILE A 218 -30.54 -15.35 -19.81
C ILE A 218 -31.64 -16.09 -19.08
N ILE A 219 -31.44 -17.36 -18.81
CA ILE A 219 -32.29 -18.03 -17.84
C ILE A 219 -31.70 -17.64 -16.48
N VAL A 220 -32.59 -17.22 -15.58
CA VAL A 220 -32.29 -16.79 -14.20
C VAL A 220 -33.14 -17.63 -13.27
N VAL A 221 -32.77 -17.76 -12.00
CA VAL A 221 -33.57 -18.51 -11.03
C VAL A 221 -33.84 -17.68 -9.81
N ILE A 222 -35.09 -17.30 -9.59
CA ILE A 222 -35.43 -16.51 -8.40
C ILE A 222 -35.98 -17.42 -7.29
N TRP A 223 -35.51 -17.21 -6.06
CA TRP A 223 -35.82 -18.08 -4.93
C TRP A 223 -36.67 -17.32 -3.96
N VAL A 224 -37.47 -18.04 -3.18
CA VAL A 224 -38.42 -17.46 -2.22
C VAL A 224 -38.50 -18.36 -1.00
N ILE A 225 -38.90 -17.79 0.13
CA ILE A 225 -39.02 -18.51 1.40
C ILE A 225 -40.40 -18.23 2.06
N VAL A 226 -41.20 -19.27 2.33
CA VAL A 226 -42.65 -19.13 2.68
C VAL A 226 -43.07 -19.44 4.16
N SER A 227 -43.32 -20.71 4.53
CA SER A 227 -43.82 -21.10 5.90
C SER A 227 -43.44 -22.56 6.31
N PRO A 228 -42.68 -22.78 7.40
CA PRO A 228 -42.39 -21.82 8.47
C PRO A 228 -41.18 -20.90 8.25
N ASN A 229 -40.73 -20.75 7.00
CA ASN A 229 -39.50 -20.07 6.57
C ASN A 229 -38.34 -21.05 6.32
N ASN A 230 -38.57 -22.34 6.56
CA ASN A 230 -37.58 -23.37 6.24
C ASN A 230 -37.57 -23.69 4.75
N ASP A 231 -38.74 -23.95 4.15
CA ASP A 231 -38.82 -24.38 2.74
C ASP A 231 -38.59 -23.22 1.74
N LYS A 232 -38.01 -23.57 0.59
CA LYS A 232 -37.56 -22.62 -0.43
C LYS A 232 -38.20 -22.98 -1.76
N GLN A 233 -38.27 -22.04 -2.70
CA GLN A 233 -38.92 -22.30 -3.98
C GLN A 233 -38.32 -21.63 -5.22
N LYS A 234 -37.82 -22.45 -6.13
CA LYS A 234 -37.31 -22.02 -7.44
C LYS A 234 -38.38 -21.29 -8.23
N TYR A 235 -37.97 -20.39 -9.13
CA TYR A 235 -38.85 -19.75 -10.12
C TYR A 235 -38.01 -19.32 -11.30
N THR A 236 -37.80 -20.26 -12.21
CA THR A 236 -36.81 -20.17 -13.31
C THR A 236 -37.22 -19.28 -14.49
N LEU A 237 -36.93 -17.99 -14.42
CA LEU A 237 -37.27 -17.02 -15.48
C LEU A 237 -36.34 -17.07 -16.71
N LYS A 238 -36.80 -16.50 -17.83
CA LYS A 238 -35.93 -16.27 -18.99
C LYS A 238 -36.23 -14.88 -19.55
N ILE A 239 -35.48 -13.90 -19.05
CA ILE A 239 -35.75 -12.50 -19.30
C ILE A 239 -34.58 -11.89 -20.05
N ASN A 240 -34.79 -10.72 -20.64
CA ASN A 240 -33.72 -10.04 -21.37
C ASN A 240 -32.56 -9.73 -20.44
N HIS A 241 -31.35 -9.73 -21.01
CA HIS A 241 -30.16 -9.42 -20.22
C HIS A 241 -30.29 -8.00 -19.64
N ASP A 242 -30.69 -7.05 -20.49
CA ASP A 242 -30.69 -5.64 -20.09
C ASP A 242 -31.89 -5.20 -19.24
N CYS A 243 -32.84 -6.09 -18.95
CA CYS A 243 -33.94 -5.72 -18.08
C CYS A 243 -33.44 -5.69 -16.62
N VAL A 244 -34.12 -4.91 -15.78
CA VAL A 244 -33.58 -4.44 -14.50
C VAL A 244 -34.17 -5.17 -13.28
N PRO A 245 -33.63 -4.95 -12.06
CA PRO A 245 -34.12 -5.68 -10.88
C PRO A 245 -35.62 -5.58 -10.66
N GLU A 246 -36.18 -4.38 -10.77
CA GLU A 246 -37.62 -4.18 -10.60
C GLU A 246 -38.43 -5.00 -11.62
N GLN A 247 -38.01 -5.00 -12.89
CA GLN A 247 -38.63 -5.85 -13.94
C GLN A 247 -38.56 -7.35 -13.63
N VAL A 248 -37.37 -7.81 -13.24
CA VAL A 248 -37.13 -9.19 -12.84
C VAL A 248 -38.00 -9.57 -11.62
N ILE A 249 -38.06 -8.70 -10.61
CA ILE A 249 -38.87 -8.94 -9.38
C ILE A 249 -40.37 -9.12 -9.69
N ALA A 250 -40.88 -8.34 -10.64
CA ALA A 250 -42.25 -8.52 -11.12
C ALA A 250 -42.44 -9.93 -11.67
N GLU A 251 -41.71 -10.25 -12.75
CA GLU A 251 -41.81 -11.56 -13.42
C GLU A 251 -41.81 -12.78 -12.46
N ALA A 252 -41.07 -12.69 -11.36
CA ALA A 252 -41.09 -13.70 -10.34
C ALA A 252 -42.42 -13.72 -9.64
N ILE A 253 -42.89 -12.55 -9.22
CA ILE A 253 -44.13 -12.47 -8.47
C ILE A 253 -45.34 -12.81 -9.38
N ARG A 254 -45.26 -12.51 -10.69
CA ARG A 254 -46.20 -13.06 -11.67
C ARG A 254 -46.23 -14.58 -11.54
N LYS A 255 -45.18 -15.25 -12.01
CA LYS A 255 -45.09 -16.71 -11.91
C LYS A 255 -45.45 -17.25 -10.52
N LYS A 256 -44.99 -16.59 -9.46
CA LYS A 256 -45.27 -17.02 -8.07
C LYS A 256 -46.77 -17.15 -7.78
N THR A 257 -47.54 -16.15 -8.24
CA THR A 257 -48.97 -15.99 -7.90
C THR A 257 -49.87 -15.93 -9.14
N ARG A 258 -49.64 -16.81 -10.12
CA ARG A 258 -50.65 -17.07 -11.15
C ARG A 258 -51.50 -18.11 -10.48
N SER A 259 -52.78 -18.18 -10.85
CA SER A 259 -53.65 -19.23 -10.31
C SER A 259 -54.86 -19.41 -11.17
N MET A 260 -55.52 -20.54 -11.01
CA MET A 260 -56.84 -20.71 -11.59
C MET A 260 -57.88 -19.87 -10.84
N LEU A 261 -57.59 -19.50 -9.60
CA LEU A 261 -58.45 -18.61 -8.83
C LEU A 261 -58.22 -17.12 -9.05
N LEU A 262 -57.30 -16.77 -9.94
CA LEU A 262 -57.00 -15.39 -10.23
C LEU A 262 -57.23 -15.07 -11.69
N SER A 263 -58.03 -14.04 -11.95
CA SER A 263 -58.20 -13.54 -13.32
C SER A 263 -56.91 -12.87 -13.77
N SER A 264 -56.86 -12.48 -15.03
CA SER A 264 -55.72 -11.75 -15.56
C SER A 264 -55.61 -10.40 -14.87
N GLU A 265 -56.67 -9.59 -14.95
CA GLU A 265 -56.68 -8.28 -14.31
C GLU A 265 -56.42 -8.38 -12.79
N GLN A 266 -56.94 -9.40 -12.11
CA GLN A 266 -56.63 -9.64 -10.67
C GLN A 266 -55.18 -10.05 -10.37
N LEU A 267 -54.41 -10.43 -11.40
CA LEU A 267 -52.99 -10.74 -11.25
C LEU A 267 -52.24 -9.44 -11.15
N LYS A 268 -52.32 -8.60 -12.20
CA LYS A 268 -51.73 -7.23 -12.20
C LYS A 268 -51.85 -6.48 -10.85
N LEU A 269 -53.04 -6.51 -10.27
CA LEU A 269 -53.30 -5.80 -9.02
C LEU A 269 -52.60 -6.44 -7.80
N CYS A 270 -52.37 -7.76 -7.82
CA CYS A 270 -51.59 -8.43 -6.76
C CYS A 270 -50.08 -8.41 -7.02
N VAL A 271 -49.69 -8.22 -8.30
CA VAL A 271 -48.28 -7.89 -8.63
C VAL A 271 -47.98 -6.51 -8.08
N LEU A 272 -48.79 -5.51 -8.46
CA LEU A 272 -48.47 -4.11 -8.15
C LEU A 272 -48.30 -3.80 -6.65
N GLU A 273 -49.12 -4.36 -5.76
CA GLU A 273 -48.93 -4.20 -4.30
C GLU A 273 -47.60 -4.85 -3.84
N TYR A 274 -47.42 -6.10 -4.23
CA TYR A 274 -46.20 -6.87 -3.95
C TYR A 274 -44.87 -6.33 -4.58
N GLN A 275 -44.97 -5.67 -5.73
CA GLN A 275 -43.81 -5.55 -6.62
C GLN A 275 -42.60 -4.96 -5.93
N GLY A 276 -42.78 -3.81 -5.29
CA GLY A 276 -41.72 -3.11 -4.55
C GLY A 276 -41.86 -3.17 -3.03
N LYS A 277 -42.16 -4.36 -2.52
CA LYS A 277 -41.94 -4.68 -1.11
C LYS A 277 -40.69 -5.57 -0.99
N TYR A 278 -40.10 -5.90 -2.14
CA TYR A 278 -38.97 -6.81 -2.21
C TYR A 278 -37.84 -6.13 -2.95
N ILE A 279 -36.63 -6.64 -2.67
CA ILE A 279 -35.42 -6.44 -3.50
C ILE A 279 -34.71 -7.77 -3.75
N LEU A 280 -33.82 -7.73 -4.74
CA LEU A 280 -33.01 -8.89 -5.15
C LEU A 280 -31.68 -9.07 -4.41
N LYS A 281 -31.57 -10.15 -3.64
CA LYS A 281 -30.29 -10.58 -3.07
C LYS A 281 -29.56 -11.46 -4.08
N VAL A 282 -28.27 -11.76 -3.85
CA VAL A 282 -27.57 -12.83 -4.57
C VAL A 282 -27.52 -14.00 -3.63
N CYS A 283 -27.91 -15.17 -4.11
CA CYS A 283 -27.96 -16.36 -3.24
C CYS A 283 -26.53 -16.67 -2.79
N GLY A 284 -26.31 -16.73 -1.47
CA GLY A 284 -25.02 -17.21 -0.91
C GLY A 284 -23.96 -16.20 -0.49
N CYS A 285 -24.24 -14.91 -0.69
CA CYS A 285 -23.34 -13.83 -0.27
C CYS A 285 -24.06 -12.49 -0.11
N ASP A 286 -23.61 -11.63 0.79
CA ASP A 286 -24.32 -10.38 1.05
C ASP A 286 -24.02 -9.33 -0.03
N GLU A 287 -24.60 -9.57 -1.21
CA GLU A 287 -24.61 -8.60 -2.29
C GLU A 287 -26.09 -8.39 -2.67
N TYR A 288 -26.41 -7.21 -3.22
CA TYR A 288 -27.78 -6.89 -3.63
C TYR A 288 -27.84 -6.01 -4.88
N PHE A 289 -28.98 -6.07 -5.57
CA PHE A 289 -29.21 -5.33 -6.80
C PHE A 289 -30.19 -4.19 -6.55
N LEU A 290 -29.67 -3.09 -6.00
CA LEU A 290 -30.50 -2.11 -5.35
C LEU A 290 -30.76 -0.85 -6.17
N GLU A 291 -30.38 -0.78 -7.45
CA GLU A 291 -30.91 0.31 -8.28
C GLU A 291 -30.98 0.02 -9.77
N LYS A 292 -31.63 0.95 -10.51
CA LYS A 292 -31.87 0.84 -11.96
C LYS A 292 -30.60 0.52 -12.74
N TYR A 293 -30.37 -0.76 -12.94
CA TYR A 293 -29.22 -1.22 -13.67
C TYR A 293 -29.64 -2.42 -14.48
N PRO A 294 -29.18 -2.49 -15.73
CA PRO A 294 -29.24 -3.74 -16.49
C PRO A 294 -28.74 -4.92 -15.68
N LEU A 295 -29.42 -6.06 -15.70
CA LEU A 295 -28.93 -7.21 -14.93
C LEU A 295 -27.51 -7.58 -15.33
N SER A 296 -27.27 -7.69 -16.65
CA SER A 296 -25.95 -7.86 -17.25
C SER A 296 -24.85 -7.05 -16.60
N GLN A 297 -25.16 -5.80 -16.29
CA GLN A 297 -24.20 -4.91 -15.65
C GLN A 297 -23.78 -5.26 -14.21
N TYR A 298 -24.65 -5.89 -13.41
CA TYR A 298 -24.17 -6.37 -12.10
C TYR A 298 -23.06 -7.42 -12.32
N LYS A 299 -22.07 -7.41 -11.44
CA LYS A 299 -20.87 -8.21 -11.70
C LYS A 299 -21.20 -9.68 -11.58
N TYR A 300 -22.06 -10.03 -10.60
CA TYR A 300 -22.50 -11.42 -10.45
C TYR A 300 -23.12 -12.04 -11.69
N ILE A 301 -23.91 -11.25 -12.42
CA ILE A 301 -24.62 -11.73 -13.59
C ILE A 301 -23.57 -12.05 -14.62
N ARG A 302 -22.80 -11.03 -14.98
CA ARG A 302 -21.81 -11.16 -16.05
C ARG A 302 -20.71 -12.22 -15.81
N SER A 303 -20.45 -12.58 -14.54
CA SER A 303 -19.65 -13.76 -14.21
C SER A 303 -20.36 -15.03 -14.63
N CYS A 304 -21.63 -15.12 -14.26
CA CYS A 304 -22.45 -16.31 -14.52
C CYS A 304 -22.51 -16.58 -16.02
N ILE A 305 -22.62 -15.52 -16.81
CA ILE A 305 -22.69 -15.64 -18.27
C ILE A 305 -21.39 -16.27 -18.80
N MET A 306 -20.25 -15.77 -18.31
CA MET A 306 -18.91 -16.21 -18.74
C MET A 306 -18.57 -17.60 -18.23
N LEU A 307 -18.91 -17.89 -16.98
CA LEU A 307 -18.68 -19.21 -16.39
C LEU A 307 -19.72 -20.26 -16.82
N GLY A 308 -20.73 -19.85 -17.60
CA GLY A 308 -21.77 -20.77 -18.09
C GLY A 308 -22.62 -21.23 -16.92
N ARG A 309 -23.16 -20.26 -16.20
CA ARG A 309 -23.89 -20.50 -14.96
C ARG A 309 -25.21 -19.76 -14.94
N MET A 310 -26.17 -20.37 -14.25
CA MET A 310 -27.51 -19.84 -14.16
C MET A 310 -27.58 -19.04 -12.87
N PRO A 311 -27.88 -17.73 -12.98
CA PRO A 311 -27.84 -16.93 -11.77
C PRO A 311 -28.89 -17.34 -10.78
N ASN A 312 -28.55 -17.25 -9.50
CA ASN A 312 -29.47 -17.52 -8.41
C ASN A 312 -29.53 -16.31 -7.49
N LEU A 313 -30.65 -15.61 -7.60
CA LEU A 313 -30.98 -14.47 -6.76
C LEU A 313 -31.99 -14.90 -5.70
N MET A 314 -32.29 -14.03 -4.75
CA MET A 314 -33.31 -14.28 -3.74
C MET A 314 -34.23 -13.07 -3.66
N LEU A 315 -35.54 -13.31 -3.59
CA LEU A 315 -36.48 -12.24 -3.34
C LEU A 315 -36.45 -12.01 -1.87
N MET A 316 -35.97 -10.84 -1.48
CA MET A 316 -35.83 -10.49 -0.09
C MET A 316 -36.71 -9.29 0.21
N ALA A 317 -37.49 -9.46 1.28
CA ALA A 317 -38.44 -8.46 1.77
C ALA A 317 -37.73 -7.23 2.34
N LYS A 318 -37.82 -6.09 1.65
CA LYS A 318 -37.23 -4.83 2.14
C LYS A 318 -37.22 -4.65 3.68
N GLU A 319 -38.36 -4.90 4.34
CA GLU A 319 -38.48 -4.69 5.79
C GLU A 319 -37.95 -5.86 6.64
N SER A 320 -37.32 -6.85 6.00
CA SER A 320 -36.43 -7.77 6.68
C SER A 320 -34.98 -7.34 6.46
N LEU A 321 -34.67 -6.72 5.32
CA LEU A 321 -33.33 -6.13 5.06
C LEU A 321 -33.15 -4.85 5.86
N TYR A 322 -34.02 -3.86 5.63
CA TYR A 322 -34.01 -2.61 6.42
C TYR A 322 -34.18 -2.90 7.93
N SER A 323 -34.81 -4.03 8.27
CA SER A 323 -34.82 -4.54 9.65
C SER A 323 -33.41 -4.63 10.23
N GLN A 324 -32.50 -5.27 9.49
CA GLN A 324 -31.11 -5.52 9.95
C GLN A 324 -30.18 -4.28 10.02
N LEU A 325 -30.41 -3.26 9.19
CA LEU A 325 -29.56 -2.06 9.18
C LEU A 325 -29.77 -1.13 10.40
N PRO A 326 -28.67 -0.73 11.07
CA PRO A 326 -28.76 0.13 12.26
C PRO A 326 -28.95 1.62 11.92
N MET A 327 -28.77 2.50 12.91
CA MET A 327 -28.48 3.91 12.65
C MET A 327 -26.98 4.10 12.83
N ASP A 328 -26.45 5.11 12.14
CA ASP A 328 -25.02 5.44 12.15
C ASP A 328 -24.49 5.89 13.52
N CYS A 329 -25.30 6.69 14.22
CA CYS A 329 -24.99 7.19 15.56
C CYS A 329 -23.81 8.20 15.59
N PHE A 330 -23.62 8.99 14.54
CA PHE A 330 -22.48 9.95 14.51
C PHE A 330 -22.65 11.04 15.55
N THR A 331 -21.60 11.29 16.32
CA THR A 331 -21.55 12.42 17.25
C THR A 331 -20.23 13.14 17.03
N MET A 332 -20.26 14.47 17.05
CA MET A 332 -19.03 15.28 16.98
C MET A 332 -18.17 15.02 18.19
N PRO A 333 -16.84 14.98 17.99
CA PRO A 333 -15.96 14.74 19.12
C PRO A 333 -15.90 15.92 20.08
N SER A 334 -15.38 15.67 21.28
CA SER A 334 -15.20 16.69 22.32
C SER A 334 -14.46 17.94 21.81
N TYR A 335 -13.40 17.70 21.03
CA TYR A 335 -12.60 18.78 20.41
C TYR A 335 -13.36 19.54 19.26
N SER A 336 -14.52 20.11 19.61
CA SER A 336 -15.53 20.66 18.66
C SER A 336 -15.66 19.91 17.33
N SER A 351 -1.12 42.41 8.57
CA SER A 351 -0.21 42.01 9.65
C SER A 351 0.96 41.13 9.17
N THR A 352 1.04 40.93 7.86
CA THR A 352 1.91 39.91 7.24
C THR A 352 2.50 40.43 5.93
N LYS A 353 3.74 40.06 5.64
CA LYS A 353 4.46 40.55 4.44
C LYS A 353 4.46 39.56 3.24
N SER A 354 3.93 39.98 2.09
CA SER A 354 3.91 39.17 0.82
C SER A 354 5.31 38.74 0.29
N LEU A 355 5.47 37.44 0.10
CA LEU A 355 6.73 36.84 -0.36
C LEU A 355 7.43 37.73 -1.36
N TRP A 356 6.67 38.22 -2.34
CA TRP A 356 7.27 38.88 -3.50
C TRP A 356 7.90 40.27 -3.21
N VAL A 357 7.60 40.84 -2.05
CA VAL A 357 8.25 42.05 -1.55
C VAL A 357 9.70 41.80 -1.14
N ILE A 358 10.05 40.56 -0.77
CA ILE A 358 11.37 40.25 -0.18
C ILE A 358 12.49 40.37 -1.24
N ASN A 359 13.28 41.43 -1.15
CA ASN A 359 14.35 41.67 -2.10
C ASN A 359 15.64 41.05 -1.58
N SER A 360 15.77 39.74 -1.74
CA SER A 360 16.99 38.98 -1.39
C SER A 360 16.99 37.57 -1.97
N ALA A 361 18.17 36.99 -2.13
CA ALA A 361 18.28 35.57 -2.48
C ALA A 361 18.13 34.69 -1.23
N LEU A 362 17.90 33.40 -1.44
CA LEU A 362 17.72 32.48 -0.33
C LEU A 362 19.06 32.07 0.24
N ARG A 363 19.11 32.08 1.56
CA ARG A 363 20.23 31.51 2.25
C ARG A 363 19.75 30.79 3.48
N ILE A 364 20.46 29.70 3.79
CA ILE A 364 20.13 28.83 4.90
C ILE A 364 21.41 28.53 5.72
N LYS A 365 21.31 28.75 7.03
CA LYS A 365 22.41 28.46 7.94
C LYS A 365 22.34 26.98 8.35
N ILE A 366 23.35 26.19 8.00
CA ILE A 366 23.57 24.87 8.62
C ILE A 366 24.25 25.15 9.96
N LEU A 367 24.06 24.31 10.97
CA LEU A 367 24.69 24.51 12.30
C LEU A 367 25.55 23.31 12.80
N CYS A 368 24.93 22.17 13.08
CA CYS A 368 25.60 21.08 13.82
C CYS A 368 24.83 19.78 13.82
N ALA A 369 25.34 18.76 13.13
CA ALA A 369 24.78 17.42 13.25
C ALA A 369 25.32 16.81 14.54
N THR A 370 24.45 16.65 15.52
CA THR A 370 24.84 16.25 16.89
C THR A 370 25.34 14.79 17.00
N TYR A 371 24.80 13.91 16.17
CA TYR A 371 24.99 12.46 16.29
C TYR A 371 25.37 11.97 14.90
N VAL A 372 26.31 11.04 14.80
CA VAL A 372 26.69 10.41 13.53
C VAL A 372 27.40 9.10 13.86
N ASN A 373 27.21 8.08 13.03
CA ASN A 373 27.88 6.77 13.20
C ASN A 373 28.86 6.50 12.05
N VAL A 374 30.10 6.96 12.22
CA VAL A 374 31.15 6.82 11.20
C VAL A 374 32.46 6.33 11.80
N ASN A 375 33.08 5.37 11.12
CA ASN A 375 34.46 4.94 11.41
C ASN A 375 35.45 5.99 10.94
N ILE A 376 36.18 6.61 11.88
CA ILE A 376 37.22 7.60 11.52
C ILE A 376 38.36 6.91 10.76
N ARG A 377 38.48 5.59 10.94
CA ARG A 377 39.34 4.75 10.11
C ARG A 377 38.95 4.86 8.64
N ASP A 378 37.75 4.39 8.32
CA ASP A 378 37.34 4.11 6.96
C ASP A 378 36.98 5.39 6.16
N ILE A 379 36.36 6.37 6.83
CA ILE A 379 35.85 7.58 6.17
C ILE A 379 36.79 8.76 6.44
N ASP A 380 37.18 9.46 5.36
CA ASP A 380 38.07 10.63 5.47
C ASP A 380 37.30 11.80 6.13
N LYS A 381 36.39 12.42 5.36
CA LYS A 381 35.74 13.67 5.76
C LYS A 381 34.26 13.72 5.37
N ILE A 382 33.48 14.51 6.11
CA ILE A 382 32.01 14.58 5.95
C ILE A 382 31.43 16.00 5.92
N TYR A 383 30.39 16.18 5.10
CA TYR A 383 29.76 17.48 4.82
C TYR A 383 28.25 17.35 4.71
N VAL A 384 27.54 18.47 4.67
CA VAL A 384 26.10 18.47 4.38
C VAL A 384 25.82 18.93 2.95
N ARG A 385 25.36 18.02 2.10
CA ARG A 385 24.87 18.41 0.78
C ARG A 385 23.49 19.05 0.94
N THR A 386 23.15 19.94 0.01
CA THR A 386 21.86 20.66 0.00
C THR A 386 21.34 20.96 -1.41
N GLY A 387 20.06 21.31 -1.46
CA GLY A 387 19.38 21.66 -2.70
C GLY A 387 17.97 22.15 -2.39
N ILE A 388 17.43 22.96 -3.28
CA ILE A 388 16.01 23.29 -3.23
C ILE A 388 15.37 22.41 -4.31
N TYR A 389 14.11 22.03 -4.12
CA TYR A 389 13.39 21.15 -5.06
C TYR A 389 11.90 21.47 -5.29
N HIS A 390 11.41 20.96 -6.43
CA HIS A 390 9.98 20.85 -6.79
C HIS A 390 9.72 19.44 -7.43
N GLY A 391 10.17 18.34 -6.80
CA GLY A 391 10.42 17.08 -7.53
C GLY A 391 11.76 17.09 -8.30
N GLY A 392 11.94 18.03 -9.25
CA GLY A 392 13.27 18.41 -9.81
C GLY A 392 13.83 19.74 -9.25
N GLU A 393 15.16 19.93 -9.35
CA GLU A 393 15.91 21.09 -8.77
C GLU A 393 15.64 22.46 -9.45
N PRO A 394 15.37 23.58 -8.68
CA PRO A 394 15.36 24.94 -9.27
C PRO A 394 16.61 25.84 -9.02
N LEU A 395 17.79 25.23 -8.98
CA LEU A 395 19.09 25.93 -8.82
C LEU A 395 20.22 24.92 -8.76
N CYS A 396 21.43 25.39 -9.01
CA CYS A 396 22.62 24.53 -8.90
C CYS A 396 22.68 23.96 -7.49
N ASP A 397 23.02 22.68 -7.41
CA ASP A 397 23.10 22.01 -6.13
C ASP A 397 24.39 22.44 -5.48
N ASN A 398 24.40 22.50 -4.15
CA ASN A 398 25.59 22.91 -3.41
C ASN A 398 25.75 22.22 -2.05
N VAL A 399 26.92 22.43 -1.45
CA VAL A 399 27.31 21.80 -0.21
C VAL A 399 27.86 22.88 0.70
N ASN A 400 28.21 22.50 1.92
CA ASN A 400 29.13 23.28 2.73
C ASN A 400 30.49 22.55 2.74
N THR A 401 31.57 23.23 3.16
CA THR A 401 32.94 22.64 3.04
C THR A 401 33.13 21.45 3.98
N GLN A 402 34.15 20.64 3.68
CA GLN A 402 34.36 19.32 4.29
C GLN A 402 34.89 19.40 5.75
N ARG A 403 34.04 19.87 6.67
CA ARG A 403 34.49 20.31 8.00
C ARG A 403 34.28 19.35 9.18
N VAL A 404 34.99 19.68 10.27
CA VAL A 404 35.17 18.87 11.50
C VAL A 404 34.95 17.40 11.18
N PRO A 405 35.74 16.90 10.22
CA PRO A 405 35.40 15.66 9.56
C PRO A 405 35.36 14.51 10.55
N CYS A 406 34.34 13.67 10.39
CA CYS A 406 34.00 12.63 11.34
C CYS A 406 33.83 13.15 12.79
N SER A 407 34.91 13.28 13.55
CA SER A 407 34.82 13.42 15.01
C SER A 407 34.13 14.72 15.42
N ASN A 408 32.90 14.58 15.94
CA ASN A 408 32.10 15.71 16.45
C ASN A 408 31.80 16.79 15.38
N PRO A 409 31.02 16.43 14.33
CA PRO A 409 30.88 17.25 13.12
C PRO A 409 29.94 18.47 13.23
N ARG A 410 30.47 19.64 12.89
CA ARG A 410 29.80 20.94 12.99
C ARG A 410 30.30 21.84 11.83
N TRP A 411 29.40 22.63 11.26
CA TRP A 411 29.72 23.68 10.27
C TRP A 411 28.82 24.83 10.65
N ASN A 412 29.32 26.05 10.73
CA ASN A 412 28.43 27.20 10.93
C ASN A 412 28.47 28.15 9.78
N GLU A 413 28.17 27.60 8.60
CA GLU A 413 28.03 28.35 7.36
C GLU A 413 26.62 28.93 7.14
N TRP A 414 26.56 29.90 6.22
CA TRP A 414 25.33 30.29 5.53
C TRP A 414 25.48 29.73 4.13
N LEU A 415 24.64 28.78 3.77
CA LEU A 415 24.58 28.34 2.38
C LEU A 415 23.80 29.40 1.60
N ASN A 416 24.30 29.74 0.41
CA ASN A 416 23.76 30.82 -0.44
C ASN A 416 23.27 30.27 -1.79
N TYR A 417 21.95 30.33 -1.98
CA TYR A 417 21.26 29.66 -3.09
C TYR A 417 20.85 30.66 -4.16
N ASP A 418 21.32 30.43 -5.40
CA ASP A 418 21.06 31.41 -6.51
C ASP A 418 19.62 31.32 -7.09
N ILE A 419 18.70 31.82 -6.28
CA ILE A 419 17.29 31.95 -6.61
C ILE A 419 16.79 33.09 -5.76
N TYR A 420 16.03 34.01 -6.33
CA TYR A 420 15.52 35.11 -5.51
C TYR A 420 14.29 34.61 -4.75
N ILE A 421 14.09 35.13 -3.55
CA ILE A 421 13.01 34.68 -2.67
C ILE A 421 11.58 34.82 -3.25
N PRO A 422 11.36 35.72 -4.23
CA PRO A 422 10.04 35.72 -4.89
C PRO A 422 9.82 34.62 -5.97
N ASP A 423 10.91 34.06 -6.49
CA ASP A 423 10.83 32.97 -7.46
C ASP A 423 10.69 31.56 -6.86
N LEU A 424 10.64 31.45 -5.53
CA LEU A 424 10.24 30.21 -4.87
C LEU A 424 8.78 29.93 -5.25
N PRO A 425 8.52 28.70 -5.76
CA PRO A 425 7.16 28.25 -6.04
C PRO A 425 6.52 27.71 -4.78
N ARG A 426 5.19 27.71 -4.70
CA ARG A 426 4.47 27.28 -3.47
C ARG A 426 4.98 26.00 -2.81
N ALA A 427 5.29 25.04 -3.67
CA ALA A 427 5.59 23.70 -3.24
C ALA A 427 7.09 23.45 -3.03
N ALA A 428 7.88 24.49 -2.76
CA ALA A 428 9.32 24.30 -2.76
C ALA A 428 9.73 23.65 -1.48
N ARG A 429 10.83 22.92 -1.55
CA ARG A 429 11.37 22.18 -0.40
C ARG A 429 12.91 22.15 -0.47
N LEU A 430 13.54 22.47 0.66
CA LEU A 430 14.93 22.09 0.92
C LEU A 430 15.06 20.55 1.04
N CYS A 431 16.05 19.97 0.37
CA CYS A 431 16.43 18.56 0.59
C CYS A 431 17.90 18.52 0.92
N LEU A 432 18.24 17.86 2.03
CA LEU A 432 19.63 17.82 2.48
C LEU A 432 20.04 16.41 2.81
N SER A 433 21.32 16.23 3.10
CA SER A 433 21.92 14.93 3.43
C SER A 433 23.38 15.04 3.85
N ILE A 434 23.72 14.52 5.01
CA ILE A 434 25.12 14.40 5.43
C ILE A 434 25.84 13.30 4.62
N CYS A 435 27.09 13.52 4.21
CA CYS A 435 27.77 12.62 3.25
C CYS A 435 29.25 12.32 3.63
N SER A 436 29.90 11.43 2.88
CA SER A 436 31.29 10.97 3.15
C SER A 436 32.21 11.13 1.94
N VAL A 437 33.50 11.38 2.21
CA VAL A 437 34.58 11.29 1.20
C VAL A 437 35.84 10.67 1.79
N GLU A 445 36.88 10.93 -5.62
CA GLU A 445 35.45 10.65 -5.73
C GLU A 445 35.07 9.45 -4.85
N GLU A 446 34.99 9.73 -3.56
CA GLU A 446 34.54 8.76 -2.56
C GLU A 446 33.16 9.18 -2.00
N HIS A 447 32.32 9.78 -2.87
CA HIS A 447 31.07 10.46 -2.44
C HIS A 447 30.01 9.45 -1.99
N CYS A 448 29.46 9.66 -0.78
CA CYS A 448 28.62 8.65 -0.15
C CYS A 448 27.66 9.21 0.92
N PRO A 449 26.34 8.94 0.80
CA PRO A 449 25.38 9.51 1.76
C PRO A 449 25.38 8.79 3.10
N LEU A 450 25.07 9.51 4.17
CA LEU A 450 24.94 8.91 5.50
C LEU A 450 23.49 8.97 6.01
N ALA A 451 22.95 10.19 6.07
CA ALA A 451 21.62 10.45 6.63
C ALA A 451 20.97 11.68 5.98
N TRP A 452 19.71 11.54 5.57
CA TRP A 452 19.00 12.54 4.76
C TRP A 452 17.70 13.03 5.44
N GLY A 453 17.19 14.16 4.95
CA GLY A 453 15.94 14.73 5.47
C GLY A 453 15.49 15.93 4.69
N ASN A 454 14.19 16.06 4.43
CA ASN A 454 13.67 17.19 3.63
C ASN A 454 12.71 18.06 4.44
N ILE A 455 12.67 19.35 4.09
CA ILE A 455 11.78 20.32 4.74
C ILE A 455 11.03 21.17 3.72
N ASN A 456 9.71 21.26 3.91
CA ASN A 456 8.88 22.23 3.20
C ASN A 456 9.29 23.64 3.57
N LEU A 457 9.57 24.47 2.55
CA LEU A 457 9.95 25.86 2.77
C LEU A 457 8.78 26.68 3.17
N PHE A 458 7.57 26.20 2.86
CA PHE A 458 6.34 26.84 3.35
C PHE A 458 5.60 25.87 4.24
N ASP A 459 5.08 26.37 5.36
CA ASP A 459 4.21 25.56 6.20
C ASP A 459 2.79 25.45 5.59
N TYR A 460 1.94 24.69 6.25
CA TYR A 460 0.61 24.47 5.75
C TYR A 460 -0.28 25.71 5.72
N THR A 461 0.08 26.73 6.51
CA THR A 461 -0.58 28.06 6.47
C THR A 461 0.02 29.08 5.45
N ASP A 462 0.76 28.59 4.44
CA ASP A 462 1.37 29.42 3.37
C ASP A 462 2.58 30.27 3.76
N THR A 463 3.21 29.95 4.89
CA THR A 463 4.18 30.84 5.53
C THR A 463 5.62 30.39 5.30
N LEU A 464 6.39 31.22 4.59
CA LEU A 464 7.83 30.96 4.35
C LEU A 464 8.54 30.70 5.67
N VAL A 465 9.32 29.63 5.71
CA VAL A 465 9.92 29.14 6.96
C VAL A 465 11.13 30.03 7.39
N SER A 466 11.10 30.48 8.65
CA SER A 466 12.10 31.42 9.21
C SER A 466 12.37 31.15 10.68
N GLY A 467 13.64 31.06 11.06
CA GLY A 467 14.02 30.73 12.43
C GLY A 467 14.92 29.50 12.48
N LYS A 468 14.92 28.82 13.62
CA LYS A 468 15.69 27.59 13.82
C LYS A 468 14.82 26.33 13.74
N MET A 469 15.33 25.27 13.11
CA MET A 469 14.64 23.99 12.94
C MET A 469 15.47 22.84 13.51
N ALA A 470 14.78 21.85 14.09
CA ALA A 470 15.38 20.59 14.49
C ALA A 470 14.94 19.49 13.51
N LEU A 471 15.86 18.97 12.69
CA LEU A 471 15.51 17.97 11.66
C LEU A 471 16.29 16.65 11.84
N ASN A 472 15.60 15.64 12.39
CA ASN A 472 16.17 14.29 12.62
C ASN A 472 16.10 13.49 11.33
N LEU A 473 17.15 12.78 10.99
CA LEU A 473 17.31 12.27 9.63
C LEU A 473 16.95 10.78 9.45
N TRP A 474 16.76 10.41 8.19
CA TRP A 474 16.35 9.07 7.80
C TRP A 474 17.58 8.30 7.29
N PRO A 475 17.65 6.98 7.52
CA PRO A 475 18.73 6.20 6.91
C PRO A 475 18.53 6.04 5.42
N VAL A 476 19.62 5.85 4.70
CA VAL A 476 19.51 5.64 3.25
C VAL A 476 18.91 4.27 2.98
N PRO A 477 17.91 4.18 2.08
CA PRO A 477 17.39 2.86 1.69
C PRO A 477 18.36 1.98 0.89
N HIS A 478 17.91 0.76 0.57
CA HIS A 478 18.71 -0.25 -0.13
C HIS A 478 19.21 0.27 -1.48
N GLY A 479 18.28 0.47 -2.40
CA GLY A 479 18.58 0.78 -3.80
C GLY A 479 19.11 2.17 -4.07
N LEU A 480 18.92 3.10 -3.14
CA LEU A 480 19.44 4.46 -3.28
C LEU A 480 20.93 4.50 -2.93
N GLU A 481 21.75 4.68 -3.98
CA GLU A 481 23.16 5.09 -3.87
C GLU A 481 23.35 6.61 -3.98
N ASP A 482 22.40 7.30 -4.62
CA ASP A 482 22.43 8.77 -4.81
C ASP A 482 22.62 9.58 -3.52
N LEU A 483 22.99 10.84 -3.69
CA LEU A 483 23.49 11.64 -2.57
C LEU A 483 22.41 12.31 -1.75
N LEU A 484 21.30 12.70 -2.37
CA LEU A 484 20.40 13.64 -1.73
C LEU A 484 18.95 13.19 -1.44
N ASN A 485 18.40 12.33 -2.28
CA ASN A 485 17.07 11.75 -2.05
C ASN A 485 15.91 12.78 -1.82
N PRO A 486 15.36 13.31 -2.93
CA PRO A 486 14.25 14.28 -2.90
C PRO A 486 12.86 13.69 -3.12
N ILE A 487 12.78 12.40 -3.43
CA ILE A 487 11.51 11.69 -3.56
C ILE A 487 11.21 10.96 -2.22
N GLY A 488 12.13 11.07 -1.26
CA GLY A 488 11.86 10.73 0.14
C GLY A 488 10.86 11.64 0.84
N VAL A 489 10.45 11.21 2.03
CA VAL A 489 9.44 11.93 2.81
C VAL A 489 9.84 13.34 3.26
N THR A 490 8.95 14.26 2.92
CA THR A 490 8.94 15.63 3.43
C THR A 490 8.55 15.66 4.92
N GLY A 491 9.51 16.02 5.75
CA GLY A 491 9.36 15.98 7.19
C GLY A 491 10.54 15.28 7.84
N SER A 492 10.67 15.53 9.14
CA SER A 492 11.67 14.88 9.96
C SER A 492 11.23 13.46 10.31
N ASN A 493 12.21 12.63 10.65
CA ASN A 493 11.99 11.38 11.37
C ASN A 493 11.44 11.68 12.81
N PRO A 494 10.40 10.92 13.27
CA PRO A 494 9.97 11.11 14.69
C PRO A 494 10.96 10.50 15.68
N ASN A 495 11.66 9.46 15.23
CA ASN A 495 12.71 8.79 16.01
C ASN A 495 13.75 9.76 16.58
N LYS A 496 13.89 9.78 17.91
CA LYS A 496 14.93 10.53 18.59
C LYS A 496 16.33 10.07 18.14
N GLU A 497 16.79 8.90 18.60
CA GLU A 497 18.19 8.48 18.40
C GLU A 497 18.54 8.28 16.93
N THR A 498 18.63 9.42 16.23
CA THR A 498 18.95 9.51 14.81
C THR A 498 19.72 10.83 14.57
N PRO A 499 20.55 10.85 13.51
CA PRO A 499 21.31 12.07 13.18
C PRO A 499 20.46 13.34 13.13
N CYS A 500 20.40 14.08 14.23
CA CYS A 500 19.63 15.33 14.28
C CYS A 500 20.41 16.54 13.75
N LEU A 501 20.23 16.87 12.47
CA LEU A 501 20.91 18.04 11.88
C LEU A 501 20.06 19.29 12.05
N GLU A 502 20.44 20.19 12.93
CA GLU A 502 19.68 21.43 13.18
C GLU A 502 20.22 22.58 12.33
N LEU A 503 19.39 23.58 12.09
CA LEU A 503 19.68 24.62 11.10
C LEU A 503 18.87 25.90 11.33
N GLU A 504 19.21 26.97 10.58
CA GLU A 504 18.57 28.29 10.71
C GLU A 504 18.21 28.95 9.37
N PHE A 505 17.05 29.61 9.37
CA PHE A 505 16.44 30.19 8.20
C PHE A 505 16.32 31.70 8.33
N ASP A 506 16.77 32.39 7.27
CA ASP A 506 16.84 33.85 7.22
C ASP A 506 15.50 34.50 7.66
N TRP A 507 15.62 35.66 8.30
CA TRP A 507 14.50 36.32 9.00
C TRP A 507 14.25 37.68 8.38
N PHE A 508 12.98 38.01 8.12
CA PHE A 508 12.64 39.25 7.43
C PHE A 508 11.66 40.10 8.25
N SER A 509 11.97 40.22 9.54
CA SER A 509 11.24 41.10 10.47
C SER A 509 9.72 40.86 10.58
N SER A 510 9.23 39.80 9.96
CA SER A 510 7.80 39.64 9.69
C SER A 510 7.49 38.21 9.21
N VAL A 511 6.27 37.75 9.46
CA VAL A 511 5.83 36.45 8.92
C VAL A 511 5.55 36.56 7.42
N VAL A 512 6.57 36.24 6.62
CA VAL A 512 6.46 36.26 5.15
C VAL A 512 5.47 35.21 4.65
N LYS A 513 4.51 35.62 3.82
CA LYS A 513 3.48 34.71 3.29
C LYS A 513 3.46 34.63 1.75
N PHE A 514 2.95 33.52 1.23
CA PHE A 514 2.83 33.29 -0.23
C PHE A 514 1.61 34.07 -0.73
N PRO A 515 1.71 34.71 -1.92
CA PRO A 515 0.64 35.63 -2.34
C PRO A 515 -0.68 34.95 -2.63
N ASP A 516 -1.79 35.70 -2.59
CA ASP A 516 -3.14 35.16 -2.88
C ASP A 516 -3.32 34.93 -4.39
N MET A 517 -4.46 34.35 -4.78
CA MET A 517 -4.69 34.04 -6.21
C MET A 517 -5.00 35.32 -6.96
N SER A 518 -5.91 36.13 -6.40
CA SER A 518 -6.12 37.51 -6.85
C SER A 518 -4.82 38.20 -7.27
N VAL A 519 -3.80 38.13 -6.43
CA VAL A 519 -2.47 38.73 -6.72
C VAL A 519 -1.70 38.07 -7.86
N ILE A 520 -1.68 36.74 -7.85
CA ILE A 520 -0.95 35.95 -8.86
C ILE A 520 -1.66 36.08 -10.22
N GLU A 521 -3.00 36.17 -10.19
CA GLU A 521 -3.83 36.45 -11.40
C GLU A 521 -3.46 37.74 -12.10
N GLU A 522 -3.25 38.80 -11.31
CA GLU A 522 -2.84 40.11 -11.86
C GLU A 522 -1.40 40.10 -12.37
N HIS A 523 -0.50 39.43 -11.67
CA HIS A 523 0.87 39.32 -12.15
C HIS A 523 0.94 38.64 -13.49
N ALA A 524 0.06 37.65 -13.70
CA ALA A 524 -0.02 36.94 -14.97
C ALA A 524 -0.52 37.84 -16.10
N ASN A 525 -1.64 38.51 -15.83
CA ASN A 525 -2.25 39.43 -16.80
C ASN A 525 -1.27 40.51 -17.26
N TRP A 526 -0.56 41.08 -16.31
CA TRP A 526 0.49 42.05 -16.62
C TRP A 526 1.65 41.38 -17.37
N SER A 527 2.05 40.17 -16.98
CA SER A 527 3.14 39.47 -17.67
C SER A 527 2.83 39.15 -19.13
N VAL A 528 1.54 39.02 -19.45
CA VAL A 528 1.07 38.63 -20.79
C VAL A 528 0.81 39.84 -21.70
N SER A 529 0.12 40.87 -21.18
CA SER A 529 0.07 42.21 -21.81
C SER A 529 1.47 42.76 -22.03
N ARG A 530 2.41 42.40 -21.14
CA ARG A 530 3.82 42.76 -21.31
C ARG A 530 4.44 42.03 -22.52
N GLU A 531 4.16 40.73 -22.67
CA GLU A 531 4.69 39.91 -23.79
C GLU A 531 4.31 40.48 -25.17
N ALA A 532 3.06 40.91 -25.33
CA ALA A 532 2.51 41.37 -26.62
C ALA A 532 3.37 42.39 -27.34
N GLY A 533 4.00 43.31 -26.59
CA GLY A 533 4.79 44.41 -27.18
C GLY A 533 6.31 44.33 -27.09
N PHE A 534 6.87 43.11 -27.12
CA PHE A 534 8.33 42.94 -27.08
C PHE A 534 9.06 43.29 -28.38
N SER A 535 10.38 43.34 -28.30
CA SER A 535 11.23 43.62 -29.45
C SER A 535 10.97 42.58 -30.50
N TYR A 536 10.24 42.99 -31.54
CA TYR A 536 10.00 42.25 -32.79
C TYR A 536 10.79 40.96 -33.04
N SER A 537 12.08 40.96 -32.73
CA SER A 537 12.90 39.75 -32.72
C SER A 537 13.32 39.47 -31.29
N HIS A 538 13.10 38.23 -30.82
CA HIS A 538 13.75 37.74 -29.62
C HIS A 538 14.49 36.39 -29.81
N ALA A 539 15.78 36.44 -29.47
CA ALA A 539 16.70 35.30 -29.50
C ALA A 539 16.38 34.35 -28.36
N GLY A 540 16.99 33.17 -28.41
CA GLY A 540 16.50 32.03 -27.67
C GLY A 540 15.01 31.93 -27.94
N LEU A 541 14.62 32.10 -29.21
CA LEU A 541 13.20 32.27 -29.65
C LEU A 541 12.20 31.31 -28.97
N SER A 542 12.72 30.17 -28.50
CA SER A 542 12.16 29.37 -27.38
C SER A 542 11.32 30.13 -26.32
N ASN A 543 11.83 31.28 -25.90
CA ASN A 543 11.04 32.26 -25.16
C ASN A 543 9.96 32.87 -26.07
N ARG A 544 8.69 32.60 -25.76
CA ARG A 544 7.53 33.23 -26.45
C ARG A 544 7.34 32.74 -27.89
N LEU A 545 6.22 33.10 -28.50
CA LEU A 545 5.86 32.63 -29.84
C LEU A 545 6.74 33.21 -30.98
N ALA A 546 6.50 34.47 -31.38
CA ALA A 546 7.01 35.08 -32.65
C ALA A 546 6.21 34.66 -33.90
N ARG A 547 5.15 33.87 -33.70
CA ARG A 547 4.16 33.51 -34.72
C ARG A 547 2.80 34.17 -34.45
N ASP A 548 2.49 34.41 -33.18
CA ASP A 548 1.31 35.20 -32.76
C ASP A 548 0.02 34.36 -32.89
N ASN A 549 -1.12 34.98 -33.19
CA ASN A 549 -2.40 34.25 -33.42
C ASN A 549 -2.38 33.26 -34.60
N GLU A 550 -1.31 33.27 -35.41
CA GLU A 550 -1.07 32.26 -36.43
C GLU A 550 0.21 31.44 -36.16
N LEU A 551 0.02 30.31 -35.47
CA LEU A 551 1.09 29.33 -35.20
C LEU A 551 1.14 28.34 -36.37
N ARG A 552 2.31 27.76 -36.63
CA ARG A 552 2.53 26.96 -37.85
C ARG A 552 1.77 25.62 -37.79
N GLU A 553 1.42 25.09 -38.97
CA GLU A 553 0.74 23.80 -39.09
C GLU A 553 1.68 22.59 -38.99
N ASN A 554 2.93 22.73 -39.42
CA ASN A 554 3.97 21.71 -39.14
C ASN A 554 4.20 21.55 -37.63
N ASP A 555 4.12 22.67 -36.90
CA ASP A 555 4.25 22.71 -35.44
C ASP A 555 3.05 22.08 -34.73
N LYS A 556 1.82 22.50 -35.07
CA LYS A 556 0.60 21.87 -34.51
C LYS A 556 0.59 20.34 -34.63
N GLU A 557 1.29 19.80 -35.63
CA GLU A 557 1.53 18.35 -35.77
C GLU A 557 2.65 17.83 -34.85
N GLN A 558 3.71 18.59 -34.64
CA GLN A 558 4.77 18.21 -33.66
C GLN A 558 4.22 18.16 -32.23
N LEU A 559 3.29 19.05 -31.88
CA LEU A 559 2.72 19.10 -30.52
C LEU A 559 1.90 17.87 -30.12
N LYS A 560 0.99 17.41 -30.99
CA LYS A 560 0.19 16.21 -30.70
C LYS A 560 1.02 14.92 -30.67
N ALA A 561 2.12 14.91 -31.41
CA ALA A 561 3.08 13.81 -31.41
C ALA A 561 3.87 13.75 -30.12
N ILE A 562 4.03 14.88 -29.45
CA ILE A 562 4.58 14.93 -28.10
C ILE A 562 3.52 14.43 -27.15
N SER A 563 2.31 15.01 -27.25
CA SER A 563 1.15 14.71 -26.39
C SER A 563 0.90 13.21 -26.14
N THR A 564 1.14 12.39 -27.16
CA THR A 564 0.89 10.96 -27.11
C THR A 564 2.04 10.11 -26.57
N ARG A 565 3.24 10.66 -26.53
CA ARG A 565 4.39 9.96 -25.93
C ARG A 565 4.19 9.73 -24.45
N ASP A 566 4.61 8.57 -23.94
CA ASP A 566 4.38 8.19 -22.54
C ASP A 566 5.07 9.11 -21.53
N PRO A 567 4.76 8.97 -20.23
CA PRO A 567 5.33 9.89 -19.27
C PRO A 567 6.83 9.75 -19.05
N LEU A 568 7.39 8.59 -19.35
CA LEU A 568 8.85 8.38 -19.18
C LEU A 568 9.76 8.82 -20.33
N SER A 569 9.22 8.95 -21.55
CA SER A 569 10.01 9.44 -22.69
C SER A 569 10.48 10.88 -22.46
N GLU A 570 11.64 11.03 -21.78
CA GLU A 570 12.11 12.33 -21.32
C GLU A 570 12.09 13.39 -22.43
N ILE A 571 11.71 14.62 -22.05
CA ILE A 571 11.44 15.72 -22.97
C ILE A 571 12.63 16.69 -22.96
N THR A 572 13.13 17.03 -24.15
CA THR A 572 14.32 17.90 -24.29
C THR A 572 14.03 19.37 -24.02
N GLU A 573 15.10 20.13 -23.76
CA GLU A 573 14.97 21.55 -23.46
C GLU A 573 14.32 22.33 -24.61
N GLN A 574 14.62 21.93 -25.85
CA GLN A 574 13.96 22.49 -27.04
C GLN A 574 12.45 22.29 -26.93
N GLU A 575 12.04 21.03 -26.81
CA GLU A 575 10.63 20.65 -26.72
C GLU A 575 9.92 21.33 -25.56
N LYS A 576 10.63 21.52 -24.44
CA LYS A 576 10.07 22.21 -23.27
C LYS A 576 9.71 23.63 -23.63
N ASP A 577 10.72 24.36 -24.10
CA ASP A 577 10.55 25.75 -24.46
C ASP A 577 9.48 25.87 -25.54
N PHE A 578 9.62 25.02 -26.55
CA PHE A 578 8.64 24.91 -27.63
C PHE A 578 7.21 24.69 -27.11
N LEU A 579 7.03 23.79 -26.15
CA LEU A 579 5.72 23.60 -25.52
C LEU A 579 5.28 24.85 -24.76
N TRP A 580 6.19 25.35 -23.91
CA TRP A 580 5.93 26.52 -23.06
C TRP A 580 5.52 27.77 -23.86
N SER A 581 6.12 27.95 -25.03
CA SER A 581 5.75 29.06 -25.90
C SER A 581 4.32 28.89 -26.43
N HIS A 582 4.01 27.70 -26.94
CA HIS A 582 2.68 27.43 -27.51
C HIS A 582 1.66 27.00 -26.46
N ARG A 583 2.03 27.08 -25.19
CA ARG A 583 1.12 26.87 -24.04
C ARG A 583 -0.33 27.26 -24.24
N HIS A 584 -0.59 28.34 -24.98
CA HIS A 584 -1.97 28.77 -25.21
C HIS A 584 -2.69 27.85 -26.19
N TYR A 585 -2.00 27.40 -27.25
CA TYR A 585 -2.58 26.37 -28.15
C TYR A 585 -2.66 25.01 -27.47
N CYS A 586 -1.77 24.74 -26.51
CA CYS A 586 -1.82 23.49 -25.74
C CYS A 586 -3.18 23.22 -25.06
N VAL A 587 -3.95 24.26 -24.76
CA VAL A 587 -5.35 24.12 -24.25
C VAL A 587 -6.34 23.41 -25.23
N THR A 588 -6.02 23.43 -26.52
CA THR A 588 -6.72 22.61 -27.53
C THR A 588 -6.51 21.11 -27.32
N ILE A 589 -5.29 20.74 -26.90
CA ILE A 589 -4.92 19.35 -26.63
C ILE A 589 -4.76 19.14 -25.11
N PRO A 590 -5.87 19.14 -24.34
CA PRO A 590 -5.73 19.03 -22.87
C PRO A 590 -4.75 17.95 -22.34
N GLU A 591 -4.74 16.80 -22.99
CA GLU A 591 -3.91 15.66 -22.59
C GLU A 591 -2.38 15.94 -22.66
N ILE A 592 -1.98 17.04 -23.31
CA ILE A 592 -0.59 17.52 -23.27
C ILE A 592 -0.17 18.00 -21.86
N LEU A 593 -1.13 18.36 -21.02
CA LEU A 593 -0.87 19.06 -19.74
C LEU A 593 0.32 18.54 -18.91
N PRO A 594 0.39 17.24 -18.59
CA PRO A 594 1.56 16.65 -17.88
C PRO A 594 2.92 17.05 -18.41
N LYS A 595 3.02 17.13 -19.74
CA LYS A 595 4.27 17.48 -20.43
C LYS A 595 4.52 18.97 -20.26
N LEU A 596 3.48 19.75 -20.52
CA LEU A 596 3.54 21.19 -20.45
C LEU A 596 4.01 21.60 -19.07
N LEU A 597 3.39 21.02 -18.05
CA LEU A 597 3.73 21.33 -16.64
C LEU A 597 5.18 21.06 -16.30
N LEU A 598 5.73 19.96 -16.83
CA LEU A 598 7.17 19.65 -16.69
C LEU A 598 8.10 20.49 -17.60
N SER A 599 7.53 21.38 -18.41
CA SER A 599 8.29 22.34 -19.20
C SER A 599 8.37 23.70 -18.49
N VAL A 600 7.39 24.04 -17.66
CA VAL A 600 7.45 25.31 -16.94
C VAL A 600 8.77 25.37 -16.15
N LYS A 601 9.38 26.55 -16.13
CA LYS A 601 10.50 26.84 -15.24
C LYS A 601 9.94 27.33 -13.91
N TRP A 602 9.88 26.42 -12.93
CA TRP A 602 9.20 26.68 -11.62
C TRP A 602 9.92 27.74 -10.77
N ASN A 603 11.24 27.82 -10.99
CA ASN A 603 12.06 28.98 -10.61
C ASN A 603 11.85 30.32 -11.37
N SER A 604 10.76 30.48 -12.13
CA SER A 604 10.35 31.81 -12.64
C SER A 604 8.90 32.06 -12.29
N ARG A 605 8.68 32.87 -11.25
CA ARG A 605 7.32 33.16 -10.78
C ARG A 605 6.43 33.74 -11.88
N ASP A 606 7.06 34.40 -12.87
CA ASP A 606 6.41 34.90 -14.10
C ASP A 606 5.75 33.79 -14.88
N GLU A 607 6.55 32.77 -15.21
CA GLU A 607 6.02 31.58 -15.87
C GLU A 607 4.94 30.93 -15.00
N VAL A 608 5.32 30.55 -13.78
CA VAL A 608 4.44 29.84 -12.82
C VAL A 608 3.10 30.54 -12.61
N ALA A 609 3.15 31.83 -12.34
CA ALA A 609 1.92 32.60 -12.19
C ALA A 609 1.04 32.49 -13.44
N GLN A 610 1.65 32.59 -14.63
CA GLN A 610 0.89 32.43 -15.87
C GLN A 610 0.26 31.03 -15.97
N MET A 611 1.07 30.00 -15.69
CA MET A 611 0.63 28.59 -15.71
C MET A 611 -0.51 28.30 -14.72
N TYR A 612 -0.58 29.02 -13.61
CA TYR A 612 -1.74 28.92 -12.67
C TYR A 612 -3.09 29.37 -13.30
N CYS A 613 -3.05 30.24 -14.31
CA CYS A 613 -4.26 30.75 -14.98
C CYS A 613 -4.73 29.86 -16.10
N LEU A 614 -3.78 29.17 -16.73
CA LEU A 614 -4.13 28.12 -17.67
C LEU A 614 -4.87 27.01 -16.91
N VAL A 615 -4.22 26.53 -15.85
CA VAL A 615 -4.72 25.44 -15.07
C VAL A 615 -6.05 25.80 -14.44
N LYS A 616 -6.23 27.06 -14.03
CA LYS A 616 -7.49 27.46 -13.38
C LYS A 616 -8.70 26.87 -14.09
N ASP A 617 -8.79 27.10 -15.40
CA ASP A 617 -9.89 26.56 -16.21
C ASP A 617 -9.31 25.91 -17.46
N TRP A 618 -8.45 24.93 -17.22
CA TRP A 618 -7.98 24.02 -18.23
C TRP A 618 -9.11 23.02 -18.41
N PRO A 619 -9.30 22.50 -19.64
CA PRO A 619 -10.39 21.56 -19.81
C PRO A 619 -10.13 20.30 -18.99
N PRO A 620 -11.14 19.82 -18.24
CA PRO A 620 -10.97 18.56 -17.51
C PRO A 620 -10.53 17.39 -18.38
N ILE A 621 -9.84 16.44 -17.76
CA ILE A 621 -9.33 15.26 -18.47
C ILE A 621 -9.75 13.93 -17.83
N LYS A 622 -9.51 12.87 -18.58
CA LYS A 622 -9.86 11.52 -18.17
C LYS A 622 -9.12 11.15 -16.85
N PRO A 623 -9.86 10.62 -15.85
CA PRO A 623 -9.31 10.16 -14.58
C PRO A 623 -8.04 9.33 -14.65
N GLU A 624 -7.93 8.48 -15.66
CA GLU A 624 -6.74 7.67 -15.87
C GLU A 624 -5.52 8.52 -16.26
N GLN A 625 -5.79 9.67 -16.89
CA GLN A 625 -4.76 10.66 -17.31
C GLN A 625 -4.43 11.67 -16.22
N ALA A 626 -5.45 12.04 -15.45
CA ALA A 626 -5.30 12.94 -14.31
C ALA A 626 -4.54 12.31 -13.15
N MET A 627 -4.58 10.99 -13.03
CA MET A 627 -3.80 10.31 -11.99
C MET A 627 -2.31 10.58 -12.07
N GLU A 628 -1.80 10.70 -13.29
CA GLU A 628 -0.40 11.07 -13.49
C GLU A 628 -0.12 12.26 -12.58
N LEU A 629 -1.01 13.26 -12.62
CA LEU A 629 -0.81 14.54 -11.92
C LEU A 629 -0.89 14.50 -10.39
N LEU A 630 -1.12 13.33 -9.80
CA LEU A 630 -1.03 13.19 -8.36
C LEU A 630 0.18 12.35 -7.97
N ASP A 631 1.08 12.01 -8.90
CA ASP A 631 2.33 11.34 -8.53
C ASP A 631 3.34 12.35 -7.94
N CYS A 632 4.59 11.93 -7.68
CA CYS A 632 5.63 12.87 -7.17
C CYS A 632 6.02 13.98 -8.15
N ASN A 633 6.12 13.66 -9.44
CA ASN A 633 6.45 14.69 -10.45
C ASN A 633 5.58 15.96 -10.50
N TYR A 634 4.45 15.97 -9.79
CA TYR A 634 3.56 17.13 -9.75
C TYR A 634 3.19 17.46 -8.30
N PRO A 635 4.09 18.20 -7.60
CA PRO A 635 3.86 18.61 -6.20
C PRO A 635 3.04 19.90 -5.98
N ASP A 636 2.68 20.62 -7.03
CA ASP A 636 1.97 21.90 -6.87
C ASP A 636 0.49 21.75 -6.42
N PRO A 637 0.00 22.62 -5.51
CA PRO A 637 -1.40 22.48 -5.03
C PRO A 637 -2.51 22.85 -5.99
N MET A 638 -2.20 23.65 -7.00
CA MET A 638 -3.19 24.00 -8.01
C MET A 638 -3.30 22.87 -9.02
N VAL A 639 -2.16 22.34 -9.46
CA VAL A 639 -2.13 21.17 -10.35
C VAL A 639 -2.90 20.00 -9.73
N ARG A 640 -2.50 19.65 -8.52
CA ARG A 640 -3.13 18.53 -7.86
C ARG A 640 -4.58 18.82 -7.58
N GLY A 641 -4.91 20.09 -7.35
CA GLY A 641 -6.30 20.48 -7.14
C GLY A 641 -7.13 20.16 -8.34
N PHE A 642 -6.60 20.52 -9.52
CA PHE A 642 -7.17 20.21 -10.85
C PHE A 642 -7.48 18.73 -10.95
N ALA A 643 -6.45 17.90 -10.87
CA ALA A 643 -6.65 16.45 -10.88
C ALA A 643 -7.80 15.97 -9.97
N VAL A 644 -7.91 16.48 -8.75
CA VAL A 644 -9.01 16.09 -7.86
C VAL A 644 -10.37 16.48 -8.48
N ARG A 645 -10.42 17.65 -9.12
CA ARG A 645 -11.65 18.11 -9.81
C ARG A 645 -12.02 17.18 -10.99
N CYS A 646 -11.01 16.66 -11.70
CA CYS A 646 -11.22 15.61 -12.70
C CYS A 646 -11.88 14.38 -12.05
N LEU A 647 -11.30 13.87 -10.98
CA LEU A 647 -11.84 12.70 -10.31
C LEU A 647 -13.25 12.98 -9.79
N GLU A 648 -13.45 14.14 -9.19
CA GLU A 648 -14.76 14.45 -8.63
C GLU A 648 -15.83 14.36 -9.69
N LYS A 649 -15.50 14.85 -10.88
CA LYS A 649 -16.38 14.77 -12.03
C LYS A 649 -16.50 13.34 -12.60
N TYR A 650 -15.40 12.81 -13.12
CA TYR A 650 -15.44 11.61 -13.97
C TYR A 650 -15.25 10.24 -13.26
N LEU A 651 -14.49 10.20 -12.18
CA LEU A 651 -14.08 8.92 -11.58
C LEU A 651 -15.22 8.25 -10.81
N THR A 652 -15.62 7.08 -11.30
CA THR A 652 -16.76 6.35 -10.75
C THR A 652 -16.36 5.51 -9.56
N ASP A 653 -17.31 5.23 -8.66
CA ASP A 653 -17.04 4.35 -7.52
C ASP A 653 -16.52 2.97 -7.92
N ASP A 654 -16.81 2.55 -9.14
CA ASP A 654 -16.17 1.38 -9.71
C ASP A 654 -14.69 1.61 -9.88
N LYS A 655 -14.37 2.63 -10.67
CA LYS A 655 -13.00 2.88 -11.14
C LYS A 655 -12.11 3.33 -9.98
N LEU A 656 -12.71 4.11 -9.07
CA LEU A 656 -12.04 4.55 -7.84
C LEU A 656 -11.54 3.36 -7.07
N SER A 657 -12.43 2.40 -6.82
CA SER A 657 -12.06 1.24 -6.00
C SER A 657 -11.13 0.28 -6.74
N GLN A 658 -10.98 0.41 -8.05
CA GLN A 658 -9.98 -0.34 -8.80
C GLN A 658 -8.58 0.21 -8.58
N TYR A 659 -8.51 1.56 -8.62
CA TYR A 659 -7.29 2.31 -8.44
C TYR A 659 -7.08 2.88 -7.01
N LEU A 660 -7.80 2.35 -6.02
CA LEU A 660 -7.74 2.90 -4.66
C LEU A 660 -6.35 2.76 -4.07
N ILE A 661 -5.70 1.62 -4.31
CA ILE A 661 -4.33 1.39 -3.86
C ILE A 661 -3.37 2.48 -4.35
N GLN A 662 -3.54 2.94 -5.58
CA GLN A 662 -2.69 4.01 -6.08
C GLN A 662 -3.01 5.39 -5.49
N LEU A 663 -4.26 5.62 -5.08
CA LEU A 663 -4.67 6.91 -4.50
C LEU A 663 -4.27 7.07 -3.03
N VAL A 664 -4.25 5.96 -2.29
CA VAL A 664 -3.79 5.95 -0.92
C VAL A 664 -2.26 6.10 -0.88
N GLN A 665 -1.59 5.45 -1.82
CA GLN A 665 -0.13 5.61 -1.97
C GLN A 665 0.29 7.02 -2.30
N VAL A 666 -0.48 7.67 -3.15
CA VAL A 666 -0.13 8.98 -3.66
C VAL A 666 -0.34 10.10 -2.61
N LEU A 667 -1.06 9.79 -1.50
CA LEU A 667 -1.21 10.70 -0.34
C LEU A 667 0.13 11.08 0.30
N LYS A 668 1.05 10.12 0.34
CA LYS A 668 2.41 10.34 0.83
C LYS A 668 3.12 11.56 0.21
N TYR A 669 2.88 11.82 -1.08
CA TYR A 669 3.50 12.96 -1.78
C TYR A 669 2.70 14.29 -1.67
N GLU A 670 1.66 14.32 -0.84
CA GLU A 670 0.97 15.57 -0.54
C GLU A 670 1.78 16.29 0.54
N GLN A 671 2.10 17.57 0.32
CA GLN A 671 2.91 18.35 1.29
C GLN A 671 2.33 18.33 2.71
N TYR A 672 1.01 18.51 2.80
CA TYR A 672 0.36 18.80 4.07
C TYR A 672 -0.72 17.79 4.37
N LEU A 673 -1.03 17.61 5.66
CA LEU A 673 -1.98 16.59 6.14
C LEU A 673 -3.32 16.71 5.51
N ASP A 674 -3.80 17.95 5.59
CA ASP A 674 -5.12 18.35 5.16
C ASP A 674 -4.99 18.84 3.73
N ASN A 675 -5.68 18.17 2.82
CA ASN A 675 -5.65 18.59 1.42
C ASN A 675 -6.87 18.06 0.68
N LEU A 676 -7.01 18.52 -0.55
CA LEU A 676 -8.18 18.19 -1.40
C LEU A 676 -8.28 16.70 -1.73
N LEU A 677 -7.16 16.10 -2.18
CA LEU A 677 -7.14 14.65 -2.36
C LEU A 677 -7.62 13.85 -1.11
N VAL A 678 -7.10 14.15 0.09
CA VAL A 678 -7.56 13.44 1.31
C VAL A 678 -9.09 13.62 1.50
N ARG A 679 -9.56 14.85 1.28
CA ARG A 679 -10.96 15.20 1.48
C ARG A 679 -11.86 14.46 0.50
N PHE A 680 -11.32 14.22 -0.70
CA PHE A 680 -12.01 13.42 -1.71
C PHE A 680 -12.20 11.96 -1.28
N LEU A 681 -11.08 11.31 -1.01
CA LEU A 681 -11.08 9.90 -0.70
C LEU A 681 -11.89 9.66 0.56
N LEU A 682 -11.62 10.42 1.62
CA LEU A 682 -12.33 10.22 2.89
C LEU A 682 -13.86 10.28 2.67
N LYS A 683 -14.30 11.19 1.79
CA LYS A 683 -15.73 11.34 1.52
C LYS A 683 -16.29 10.17 0.72
N LYS A 684 -15.57 9.72 -0.31
CA LYS A 684 -15.98 8.50 -1.01
C LYS A 684 -15.99 7.29 -0.09
N ALA A 685 -15.06 7.26 0.86
CA ALA A 685 -14.99 6.17 1.85
C ALA A 685 -16.24 6.08 2.70
N LEU A 686 -16.72 7.26 3.12
CA LEU A 686 -17.90 7.36 4.01
C LEU A 686 -19.26 7.31 3.26
N THR A 687 -19.18 7.29 1.93
CA THR A 687 -20.30 7.31 1.04
C THR A 687 -20.69 5.91 0.56
N ASN A 688 -19.72 5.01 0.50
CA ASN A 688 -19.85 3.71 -0.16
C ASN A 688 -19.02 2.71 0.66
N GLN A 689 -19.66 1.82 1.42
CA GLN A 689 -18.94 1.02 2.43
C GLN A 689 -17.95 0.00 1.81
N ARG A 690 -18.08 -0.32 0.53
CA ARG A 690 -17.16 -1.24 -0.15
C ARG A 690 -15.81 -0.57 -0.40
N ILE A 691 -15.83 0.72 -0.70
CA ILE A 691 -14.60 1.49 -0.73
C ILE A 691 -14.06 1.54 0.70
N GLY A 692 -14.85 2.12 1.59
CA GLY A 692 -14.48 2.27 2.97
C GLY A 692 -13.65 1.08 3.45
N HIS A 693 -14.18 -0.11 3.23
CA HIS A 693 -13.52 -1.33 3.71
C HIS A 693 -12.05 -1.42 3.32
N PHE A 694 -11.73 -1.19 2.05
CA PHE A 694 -10.36 -1.36 1.56
C PHE A 694 -9.52 -0.15 1.92
N PHE A 695 -10.12 1.03 1.78
CA PHE A 695 -9.53 2.26 2.32
C PHE A 695 -9.09 2.11 3.78
N PHE A 696 -9.85 1.38 4.61
CA PHE A 696 -9.45 1.14 6.00
C PHE A 696 -8.20 0.30 5.93
N TRP A 697 -8.34 -0.89 5.35
CA TRP A 697 -7.27 -1.87 5.39
C TRP A 697 -5.98 -1.39 4.74
N HIS A 698 -6.05 -0.61 3.66
CA HIS A 698 -4.82 -0.18 3.02
C HIS A 698 -4.04 0.80 3.89
N LEU A 699 -4.77 1.70 4.55
CA LEU A 699 -4.19 2.62 5.53
C LEU A 699 -3.67 1.83 6.74
N LYS A 700 -4.54 1.09 7.38
CA LYS A 700 -4.18 0.24 8.51
C LYS A 700 -2.97 -0.66 8.21
N SER A 701 -2.91 -1.18 6.98
CA SER A 701 -1.80 -2.05 6.51
C SER A 701 -0.46 -1.40 6.77
N GLU A 702 -0.35 -0.14 6.37
CA GLU A 702 0.91 0.56 6.40
C GLU A 702 1.14 1.26 7.72
N MET A 703 0.45 0.91 8.82
CA MET A 703 0.60 1.69 10.07
C MET A 703 1.93 1.48 10.77
N HIS A 704 2.50 0.29 10.64
CA HIS A 704 3.92 0.04 10.99
C HIS A 704 4.93 1.06 10.43
N ASN A 705 4.68 1.57 9.23
CA ASN A 705 5.64 2.41 8.49
C ASN A 705 5.64 3.89 8.94
N LYS A 706 6.57 4.27 9.82
CA LYS A 706 6.61 5.64 10.37
C LYS A 706 6.72 6.81 9.37
N THR A 707 6.94 6.52 8.09
CA THR A 707 6.80 7.58 7.08
C THR A 707 5.35 8.00 6.83
N VAL A 708 4.39 7.23 7.37
CA VAL A 708 2.95 7.53 7.24
C VAL A 708 2.07 7.33 8.49
N SER A 709 2.61 6.76 9.57
CA SER A 709 1.85 6.50 10.78
C SER A 709 0.98 7.67 11.25
N GLN A 710 1.53 8.89 11.19
CA GLN A 710 0.82 10.05 11.71
C GLN A 710 -0.29 10.30 10.75
N ARG A 711 0.09 10.55 9.50
CA ARG A 711 -0.91 10.88 8.47
C ARG A 711 -2.09 9.91 8.47
N PHE A 712 -1.76 8.62 8.36
CA PHE A 712 -2.74 7.56 8.13
C PHE A 712 -3.54 7.24 9.37
N GLY A 713 -2.87 7.24 10.51
CA GLY A 713 -3.54 7.13 11.79
C GLY A 713 -4.59 8.20 11.96
N LEU A 714 -4.23 9.44 11.62
CA LEU A 714 -5.16 10.57 11.74
C LEU A 714 -6.37 10.46 10.81
N LEU A 715 -6.11 10.08 9.57
CA LEU A 715 -7.14 9.80 8.60
C LEU A 715 -8.02 8.68 9.09
N LEU A 716 -7.39 7.60 9.54
CA LEU A 716 -8.15 6.43 10.00
C LEU A 716 -9.02 6.74 11.21
N GLU A 717 -8.62 7.73 11.98
CA GLU A 717 -9.43 8.20 13.10
C GLU A 717 -10.75 8.76 12.60
N SER A 718 -10.67 9.69 11.64
CA SER A 718 -11.82 10.26 10.95
C SER A 718 -12.75 9.19 10.42
N TYR A 719 -12.21 8.30 9.57
CA TYR A 719 -12.99 7.24 8.97
C TYR A 719 -13.70 6.46 10.05
N CYS A 720 -12.96 6.04 11.06
CA CYS A 720 -13.54 5.22 12.12
C CYS A 720 -14.59 5.97 12.96
N ARG A 721 -14.40 7.27 13.17
CA ARG A 721 -15.37 8.12 13.86
C ARG A 721 -16.72 8.30 13.12
N ALA A 722 -16.68 8.21 11.79
CA ALA A 722 -17.83 8.52 10.92
C ALA A 722 -18.37 7.39 10.06
N CYS A 723 -17.64 6.29 9.90
CA CYS A 723 -18.05 5.16 9.04
C CYS A 723 -19.35 4.40 9.45
N GLY A 724 -19.84 4.63 10.66
CA GLY A 724 -21.06 4.01 11.12
C GLY A 724 -20.80 2.74 11.90
N MET A 725 -21.71 1.77 11.77
CA MET A 725 -21.61 0.52 12.54
C MET A 725 -20.53 -0.41 12.01
N TYR A 726 -20.10 -0.18 10.76
CA TYR A 726 -18.98 -0.94 10.21
C TYR A 726 -17.72 -0.92 11.06
N LEU A 727 -17.51 0.13 11.84
CA LEU A 727 -16.45 0.14 12.84
C LEU A 727 -16.46 -1.15 13.65
N LYS A 728 -17.63 -1.52 14.17
CA LYS A 728 -17.74 -2.71 15.02
C LYS A 728 -17.49 -3.99 14.25
N HIS A 729 -17.93 -4.02 13.00
CA HIS A 729 -17.56 -5.09 12.07
C HIS A 729 -16.08 -5.14 11.77
N LEU A 730 -15.47 -3.97 11.56
CA LEU A 730 -14.03 -3.87 11.29
C LEU A 730 -13.24 -4.35 12.49
N ASN A 731 -13.69 -4.01 13.69
CA ASN A 731 -13.00 -4.44 14.91
C ASN A 731 -13.02 -5.92 15.11
N ARG A 732 -14.07 -6.58 14.63
CA ARG A 732 -14.07 -8.05 14.67
C ARG A 732 -13.08 -8.66 13.69
N GLN A 733 -12.90 -8.04 12.53
CA GLN A 733 -11.89 -8.49 11.59
C GLN A 733 -10.52 -8.24 12.18
N VAL A 734 -10.34 -7.04 12.72
CA VAL A 734 -9.08 -6.66 13.32
C VAL A 734 -8.69 -7.61 14.47
N GLU A 735 -9.64 -7.96 15.33
CA GLU A 735 -9.36 -8.90 16.43
C GLU A 735 -9.06 -10.31 15.94
N ALA A 736 -9.70 -10.69 14.83
CA ALA A 736 -9.43 -11.99 14.20
C ALA A 736 -7.99 -12.07 13.76
N MET A 737 -7.53 -11.03 13.06
CA MET A 737 -6.22 -11.08 12.45
C MET A 737 -5.14 -11.09 13.51
N GLU A 738 -5.27 -10.24 14.52
CA GLU A 738 -4.37 -10.29 15.65
C GLU A 738 -4.22 -11.68 16.20
N LYS A 739 -5.33 -12.42 16.36
CA LYS A 739 -5.22 -13.78 16.95
C LYS A 739 -4.44 -14.75 16.10
N LEU A 740 -4.69 -14.70 14.78
CA LEU A 740 -3.93 -15.45 13.80
C LEU A 740 -2.47 -15.05 13.74
N ILE A 741 -2.22 -13.75 13.82
CA ILE A 741 -0.85 -13.18 13.95
C ILE A 741 -0.11 -13.78 15.14
N ASN A 742 -0.73 -13.77 16.31
CA ASN A 742 -0.12 -14.40 17.47
C ASN A 742 0.05 -15.88 17.29
N LEU A 743 -0.91 -16.53 16.66
CA LEU A 743 -0.86 -17.98 16.52
C LEU A 743 0.37 -18.35 15.70
N THR A 744 0.49 -17.73 14.53
CA THR A 744 1.61 -17.99 13.64
C THR A 744 2.93 -17.50 14.23
N ASP A 745 2.89 -16.41 15.01
CA ASP A 745 4.11 -15.94 15.71
C ASP A 745 4.71 -17.05 16.62
N ILE A 746 3.85 -17.80 17.32
CA ILE A 746 4.32 -18.87 18.23
C ILE A 746 4.75 -20.10 17.42
N LEU A 747 4.06 -20.40 16.33
CA LEU A 747 4.48 -21.48 15.44
C LEU A 747 5.88 -21.21 14.86
N LYS A 748 6.17 -19.96 14.54
CA LYS A 748 7.40 -19.65 13.86
C LYS A 748 8.61 -19.53 14.79
N GLN A 749 8.39 -19.56 16.11
CA GLN A 749 9.45 -19.47 17.12
C GLN A 749 9.09 -20.39 18.28
N GLU A 750 10.02 -21.24 18.73
CA GLU A 750 9.77 -22.23 19.82
C GLU A 750 9.03 -23.49 19.36
N LYS A 751 7.93 -23.32 18.61
CA LYS A 751 7.21 -24.45 17.96
C LYS A 751 7.82 -24.93 16.64
N LYS A 752 8.83 -24.23 16.13
CA LYS A 752 9.71 -24.76 15.07
C LYS A 752 10.51 -25.92 15.65
N ASP A 753 11.06 -26.75 14.77
CA ASP A 753 11.73 -27.98 15.22
C ASP A 753 10.78 -28.76 16.14
N GLU A 754 9.60 -29.01 15.60
CA GLU A 754 8.63 -29.97 16.10
C GLU A 754 8.01 -30.53 14.82
N THR A 755 7.48 -31.74 14.86
CA THR A 755 6.84 -32.32 13.66
C THR A 755 5.51 -31.65 13.37
N GLN A 756 5.18 -31.48 12.09
CA GLN A 756 3.88 -30.98 11.69
C GLN A 756 2.85 -31.57 12.64
N LYS A 757 2.94 -32.87 12.90
CA LYS A 757 2.11 -33.54 13.91
C LYS A 757 1.96 -32.69 15.18
N VAL A 758 3.09 -32.38 15.83
CA VAL A 758 3.15 -31.62 17.11
C VAL A 758 2.57 -30.21 16.97
N GLN A 759 2.96 -29.52 15.90
CA GLN A 759 2.42 -28.21 15.55
C GLN A 759 0.91 -28.26 15.38
N MET A 760 0.44 -29.12 14.45
CA MET A 760 -1.00 -29.26 14.14
C MET A 760 -1.84 -29.62 15.34
N LYS A 761 -1.29 -30.43 16.24
CA LYS A 761 -1.99 -30.73 17.49
C LYS A 761 -2.05 -29.49 18.36
N PHE A 762 -0.95 -28.74 18.39
CA PHE A 762 -0.97 -27.44 19.04
C PHE A 762 -1.98 -26.47 18.41
N LEU A 763 -1.95 -26.35 17.08
CA LEU A 763 -2.87 -25.47 16.34
C LEU A 763 -4.30 -25.75 16.73
N VAL A 764 -4.70 -27.01 16.61
CA VAL A 764 -6.08 -27.42 16.85
C VAL A 764 -6.45 -27.22 18.31
N GLU A 765 -5.57 -27.65 19.21
CA GLU A 765 -5.75 -27.43 20.64
C GLU A 765 -6.12 -25.97 20.91
N GLN A 766 -5.28 -25.08 20.39
CA GLN A 766 -5.43 -23.62 20.53
C GLN A 766 -6.71 -23.08 19.95
N MET A 767 -7.05 -23.47 18.73
CA MET A 767 -8.23 -22.97 18.07
C MET A 767 -9.51 -23.38 18.83
N ARG A 768 -9.45 -24.50 19.55
CA ARG A 768 -10.57 -24.91 20.39
C ARG A 768 -10.85 -23.98 21.55
N ARG A 769 -9.82 -23.44 22.19
CA ARG A 769 -10.07 -22.62 23.38
C ARG A 769 -11.11 -21.52 23.05
N PRO A 770 -12.00 -21.21 24.02
CA PRO A 770 -13.11 -20.25 23.83
C PRO A 770 -12.74 -18.91 23.19
N ASP A 771 -11.70 -18.27 23.71
CA ASP A 771 -11.21 -17.00 23.16
C ASP A 771 -10.99 -17.05 21.64
N PHE A 772 -10.55 -18.20 21.12
CA PHE A 772 -10.34 -18.36 19.67
C PHE A 772 -11.63 -18.57 18.97
N MET A 773 -12.44 -19.46 19.53
CA MET A 773 -13.77 -19.72 18.98
C MET A 773 -14.57 -18.42 18.90
N ASP A 774 -14.64 -17.67 20.00
CA ASP A 774 -15.22 -16.32 20.02
C ASP A 774 -14.70 -15.48 18.85
N ALA A 775 -13.39 -15.38 18.80
CA ALA A 775 -12.70 -14.40 17.98
C ALA A 775 -12.60 -14.76 16.52
N LEU A 776 -12.53 -16.06 16.22
CA LEU A 776 -12.27 -16.50 14.86
C LEU A 776 -13.47 -17.00 14.10
N GLN A 777 -14.68 -16.79 14.65
CA GLN A 777 -15.89 -17.29 13.98
C GLN A 777 -16.89 -16.25 13.43
N GLY A 778 -17.51 -15.43 14.24
CA GLY A 778 -18.59 -14.62 13.66
C GLY A 778 -18.14 -13.38 12.93
N PHE A 779 -17.61 -13.48 11.69
CA PHE A 779 -17.11 -12.23 11.01
C PHE A 779 -17.11 -12.15 9.46
N LEU A 780 -16.56 -11.06 8.90
CA LEU A 780 -16.53 -10.84 7.45
C LEU A 780 -15.12 -10.95 6.88
N SER A 781 -14.96 -11.75 5.82
CA SER A 781 -13.69 -11.82 5.13
C SER A 781 -13.18 -10.43 4.79
N PRO A 782 -11.98 -10.09 5.28
CA PRO A 782 -11.34 -8.90 4.76
C PRO A 782 -11.09 -8.96 3.24
N LEU A 783 -10.82 -10.15 2.71
CA LEU A 783 -10.66 -10.33 1.26
C LEU A 783 -11.86 -9.87 0.46
N ASN A 784 -13.04 -10.09 1.00
CA ASN A 784 -14.25 -9.50 0.44
C ASN A 784 -15.36 -9.58 1.48
N PRO A 785 -15.72 -8.46 2.07
CA PRO A 785 -16.61 -8.48 3.23
C PRO A 785 -18.06 -8.90 2.92
N ALA A 786 -18.42 -8.94 1.64
CA ALA A 786 -19.66 -9.57 1.21
C ALA A 786 -19.80 -11.02 1.65
N HIS A 787 -18.69 -11.73 1.85
CA HIS A 787 -18.74 -13.11 2.36
C HIS A 787 -18.67 -13.08 3.86
N GLN A 788 -19.62 -13.72 4.54
CA GLN A 788 -19.55 -13.87 5.99
C GLN A 788 -18.79 -15.12 6.23
N LEU A 789 -18.07 -15.16 7.35
CA LEU A 789 -17.32 -16.33 7.79
C LEU A 789 -17.99 -16.82 9.05
N GLY A 790 -18.50 -18.05 8.99
CA GLY A 790 -19.34 -18.62 10.03
C GLY A 790 -18.54 -19.28 11.08
N ASN A 791 -18.89 -20.51 11.41
CA ASN A 791 -18.09 -21.29 12.35
C ASN A 791 -16.92 -21.88 11.61
N LEU A 792 -15.87 -22.22 12.36
CA LEU A 792 -14.69 -22.86 11.79
C LEU A 792 -14.99 -24.33 11.68
N ARG A 793 -14.56 -24.94 10.58
CA ARG A 793 -14.46 -26.37 10.52
C ARG A 793 -12.98 -26.66 10.66
N LEU A 794 -12.59 -27.09 11.87
CA LEU A 794 -11.19 -27.38 12.22
C LEU A 794 -10.64 -28.65 11.55
N GLU A 795 -11.56 -29.48 11.07
CA GLU A 795 -11.27 -30.69 10.29
C GLU A 795 -10.48 -30.34 9.05
N GLU A 796 -10.82 -29.18 8.49
CA GLU A 796 -10.20 -28.69 7.29
C GLU A 796 -9.16 -27.58 7.56
N CYS A 797 -9.17 -26.99 8.76
CA CYS A 797 -8.12 -26.01 9.11
C CYS A 797 -6.79 -26.72 9.33
N ARG A 798 -5.76 -26.27 8.62
CA ARG A 798 -4.44 -26.88 8.76
C ARG A 798 -3.26 -25.97 8.41
N ILE A 799 -2.09 -26.33 8.93
CA ILE A 799 -0.83 -25.70 8.54
C ILE A 799 -0.35 -26.25 7.18
N MET A 800 -0.06 -25.37 6.23
CA MET A 800 0.53 -25.78 5.00
C MET A 800 2.01 -26.09 5.22
N SER A 801 2.58 -26.76 4.23
CA SER A 801 3.92 -27.35 4.36
C SER A 801 5.04 -26.35 4.36
N SER A 802 4.83 -25.16 3.77
CA SER A 802 5.83 -24.10 3.74
C SER A 802 6.54 -23.84 5.08
N ALA A 803 7.76 -23.33 4.97
CA ALA A 803 8.57 -22.96 6.15
C ALA A 803 7.99 -21.79 6.93
N LYS A 804 7.19 -20.98 6.25
CA LYS A 804 6.67 -19.74 6.81
C LYS A 804 5.49 -20.04 7.74
N ARG A 805 4.99 -21.27 7.68
CA ARG A 805 3.86 -21.73 8.50
C ARG A 805 2.60 -20.90 8.19
N PRO A 806 2.21 -20.88 6.90
CA PRO A 806 0.97 -20.25 6.55
C PRO A 806 -0.17 -21.17 6.97
N LEU A 807 -1.29 -20.58 7.39
CA LEU A 807 -2.45 -21.32 7.85
C LEU A 807 -3.46 -21.39 6.73
N TRP A 808 -4.02 -22.59 6.61
CA TRP A 808 -5.12 -22.86 5.70
C TRP A 808 -6.34 -22.89 6.61
N LEU A 809 -7.21 -21.89 6.45
CA LEU A 809 -8.35 -21.74 7.29
C LEU A 809 -9.61 -21.97 6.49
N ASN A 810 -10.61 -22.56 7.13
CA ASN A 810 -11.87 -22.95 6.50
C ASN A 810 -13.04 -22.56 7.39
N TRP A 811 -14.05 -21.98 6.77
CA TRP A 811 -15.21 -21.48 7.49
C TRP A 811 -16.50 -21.97 6.82
N GLU A 812 -17.55 -22.08 7.63
CA GLU A 812 -18.88 -22.33 7.11
C GLU A 812 -19.46 -21.05 6.55
N ASN A 813 -20.12 -21.12 5.39
CA ASN A 813 -20.86 -19.96 4.82
C ASN A 813 -22.25 -19.87 5.42
N PRO A 814 -22.45 -18.98 6.39
CA PRO A 814 -23.68 -19.13 7.13
C PRO A 814 -24.90 -18.47 6.44
N ASP A 815 -24.75 -18.04 5.18
CA ASP A 815 -25.89 -17.61 4.32
C ASP A 815 -27.02 -18.60 4.34
N ILE A 816 -28.23 -18.14 4.06
CA ILE A 816 -29.43 -19.01 4.07
C ILE A 816 -29.35 -19.97 2.86
N MET A 817 -29.03 -19.40 1.69
CA MET A 817 -28.78 -20.12 0.45
C MET A 817 -27.29 -20.48 0.21
N GLU A 819 -25.64 -23.11 -0.01
CA GLU A 819 -25.47 -24.23 -0.92
C GLU A 819 -25.44 -23.75 -2.37
N LEU A 820 -26.28 -22.78 -2.70
CA LEU A 820 -26.34 -22.23 -4.05
C LEU A 820 -25.05 -21.50 -4.54
N LEU A 821 -24.14 -21.15 -3.61
CA LEU A 821 -22.88 -20.43 -3.94
C LEU A 821 -21.64 -21.20 -3.53
N PHE A 822 -21.37 -21.31 -2.24
CA PHE A 822 -20.39 -22.29 -1.75
C PHE A 822 -20.68 -22.51 -0.31
N GLN A 823 -20.74 -23.75 0.14
CA GLN A 823 -21.07 -24.03 1.55
C GLN A 823 -19.88 -23.75 2.43
N ASN A 824 -18.68 -23.92 1.87
CA ASN A 824 -17.48 -23.68 2.63
C ASN A 824 -16.57 -22.70 1.94
N ASN A 825 -15.97 -21.86 2.76
CA ASN A 825 -15.18 -20.73 2.36
C ASN A 825 -13.85 -20.84 3.08
N GLU A 826 -12.76 -20.78 2.32
CA GLU A 826 -11.43 -20.99 2.87
C GLU A 826 -10.45 -20.00 2.25
N ILE A 827 -9.61 -19.41 3.10
CA ILE A 827 -8.58 -18.45 2.71
C ILE A 827 -7.34 -18.70 3.52
N ILE A 828 -6.20 -18.36 2.94
CA ILE A 828 -4.90 -18.66 3.53
C ILE A 828 -4.42 -17.42 4.24
N PHE A 829 -4.05 -17.58 5.51
CA PHE A 829 -3.42 -16.50 6.28
C PHE A 829 -1.93 -16.74 6.25
N LYS A 830 -1.11 -15.75 5.86
CA LYS A 830 0.36 -15.95 5.74
C LYS A 830 1.18 -14.92 6.52
N ASN A 831 1.76 -15.36 7.64
CA ASN A 831 2.53 -14.47 8.51
C ASN A 831 3.86 -13.92 7.95
N GLY A 832 4.58 -14.69 7.15
CA GLY A 832 5.92 -14.27 6.71
C GLY A 832 6.16 -13.28 5.57
N ASP A 833 5.51 -13.43 4.41
CA ASP A 833 5.93 -12.72 3.19
C ASP A 833 5.30 -11.35 3.06
N ASP A 834 6.00 -10.46 2.37
CA ASP A 834 5.44 -9.19 1.96
C ASP A 834 4.49 -9.44 0.78
N LEU A 835 3.18 -9.44 1.08
CA LEU A 835 2.14 -9.67 0.05
C LEU A 835 2.00 -8.52 -0.99
N ARG A 836 2.43 -7.31 -0.66
CA ARG A 836 2.07 -6.16 -1.48
C ARG A 836 2.74 -6.04 -2.83
N GLN A 837 3.76 -6.83 -3.11
CA GLN A 837 4.23 -6.93 -4.48
C GLN A 837 3.18 -7.67 -5.29
N ASP A 838 2.79 -8.83 -4.78
CA ASP A 838 1.78 -9.68 -5.43
C ASP A 838 0.46 -8.89 -5.62
N MET A 839 0.01 -8.25 -4.54
CA MET A 839 -1.17 -7.38 -4.53
C MET A 839 -1.23 -6.53 -5.80
N LEU A 840 -0.09 -5.92 -6.14
CA LEU A 840 0.01 -5.01 -7.28
C LEU A 840 -0.04 -5.74 -8.63
N THR A 841 0.69 -6.83 -8.78
CA THR A 841 0.68 -7.53 -10.08
C THR A 841 -0.74 -8.12 -10.37
N LEU A 842 -1.32 -8.76 -9.35
CA LEU A 842 -2.73 -9.18 -9.37
C LEU A 842 -3.65 -8.03 -9.76
N GLN A 843 -3.50 -6.85 -9.16
CA GLN A 843 -4.16 -5.66 -9.70
C GLN A 843 -3.88 -5.44 -11.20
N ILE A 844 -2.60 -5.48 -11.56
CA ILE A 844 -2.20 -5.09 -12.91
C ILE A 844 -2.85 -6.06 -13.92
N ILE A 845 -2.71 -7.36 -13.63
CA ILE A 845 -3.40 -8.41 -14.39
C ILE A 845 -4.92 -8.10 -14.56
N ARG A 846 -5.64 -8.02 -13.44
CA ARG A 846 -7.08 -7.64 -13.40
C ARG A 846 -7.41 -6.54 -14.41
N ILE A 847 -6.56 -5.52 -14.43
CA ILE A 847 -6.73 -4.40 -15.33
C ILE A 847 -6.44 -4.79 -16.76
N MET A 848 -5.37 -5.60 -16.97
CA MET A 848 -5.06 -6.14 -18.30
C MET A 848 -6.24 -6.94 -18.84
N GLU A 849 -6.80 -7.82 -18.02
CA GLU A 849 -8.02 -8.58 -18.40
C GLU A 849 -9.07 -7.60 -18.92
N ASN A 850 -9.40 -6.61 -18.10
CA ASN A 850 -10.48 -5.68 -18.42
C ASN A 850 -10.25 -4.97 -19.74
N ILE A 851 -9.03 -4.49 -19.97
CA ILE A 851 -8.67 -3.87 -21.25
C ILE A 851 -9.01 -4.80 -22.40
N TRP A 852 -8.43 -6.00 -22.33
CA TRP A 852 -8.59 -7.04 -23.37
C TRP A 852 -10.04 -7.40 -23.67
N GLN A 853 -10.78 -7.71 -22.62
CA GLN A 853 -12.14 -8.20 -22.74
C GLN A 853 -13.05 -7.07 -23.19
N ASN A 854 -12.97 -5.92 -22.52
CA ASN A 854 -13.79 -4.76 -22.89
C ASN A 854 -13.43 -4.10 -24.23
N GLN A 855 -12.42 -4.65 -24.91
CA GLN A 855 -12.13 -4.38 -26.34
C GLN A 855 -12.55 -5.57 -27.25
N GLY A 856 -13.38 -6.46 -26.69
CA GLY A 856 -13.76 -7.71 -27.34
C GLY A 856 -12.68 -8.73 -27.68
N LEU A 857 -11.84 -9.12 -26.72
CA LEU A 857 -10.93 -10.25 -26.97
C LEU A 857 -10.60 -11.07 -25.72
N ASP A 858 -11.28 -12.22 -25.63
CA ASP A 858 -11.42 -13.04 -24.43
C ASP A 858 -10.10 -13.71 -24.02
N LEU A 859 -9.53 -13.27 -22.92
CA LEU A 859 -8.36 -13.93 -22.40
C LEU A 859 -8.55 -14.06 -20.91
N ARG A 860 -9.26 -15.10 -20.50
CA ARG A 860 -9.54 -15.26 -19.09
C ARG A 860 -8.26 -15.43 -18.23
N MET A 861 -7.98 -14.38 -17.47
CA MET A 861 -7.02 -14.40 -16.37
C MET A 861 -7.77 -14.72 -15.08
N LEU A 862 -7.01 -15.09 -14.04
CA LEU A 862 -7.56 -15.40 -12.69
C LEU A 862 -6.77 -14.63 -11.62
N PRO A 863 -7.05 -13.33 -11.49
CA PRO A 863 -6.43 -12.52 -10.46
C PRO A 863 -7.08 -12.82 -9.12
N TYR A 864 -6.61 -13.91 -8.51
CA TYR A 864 -7.14 -14.33 -7.22
C TYR A 864 -6.99 -13.22 -6.19
N GLY A 865 -7.83 -13.25 -5.19
CA GLY A 865 -7.76 -12.24 -4.12
C GLY A 865 -6.46 -12.28 -3.33
N CYS A 866 -5.89 -11.10 -3.09
CA CYS A 866 -4.74 -10.93 -2.18
C CYS A 866 -4.87 -9.67 -1.33
N LEU A 867 -4.46 -9.73 -0.07
CA LEU A 867 -4.56 -8.53 0.79
C LEU A 867 -3.55 -8.44 1.92
N SER A 868 -2.69 -7.40 1.86
CA SER A 868 -1.74 -7.11 2.91
C SER A 868 -2.49 -6.36 3.97
N ILE A 869 -2.30 -6.78 5.23
CA ILE A 869 -3.00 -6.20 6.39
C ILE A 869 -2.03 -5.89 7.51
N GLY A 870 -0.77 -5.65 7.17
CA GLY A 870 0.27 -5.54 8.18
C GLY A 870 1.67 -5.61 7.63
N ASP A 871 2.66 -5.68 8.51
CA ASP A 871 4.05 -5.80 8.06
C ASP A 871 4.37 -7.23 7.66
N CYS A 872 4.29 -7.50 6.36
CA CYS A 872 4.39 -8.86 5.82
C CYS A 872 3.35 -9.84 6.35
N VAL A 873 2.09 -9.42 6.38
CA VAL A 873 0.98 -10.24 6.84
C VAL A 873 -0.19 -10.11 5.88
N GLY A 874 -0.91 -11.20 5.64
CA GLY A 874 -1.94 -11.15 4.62
C GLY A 874 -2.86 -12.33 4.40
N LEU A 875 -3.60 -12.24 3.30
CA LEU A 875 -4.65 -13.16 2.99
C LEU A 875 -4.67 -13.42 1.50
N ILE A 876 -4.76 -14.70 1.13
CA ILE A 876 -4.87 -15.08 -0.27
C ILE A 876 -6.11 -15.97 -0.47
N GLU A 877 -7.01 -15.51 -1.34
CA GLU A 877 -8.14 -16.33 -1.83
C GLU A 877 -7.67 -17.69 -2.33
N VAL A 878 -8.16 -18.76 -1.70
CA VAL A 878 -8.00 -20.10 -2.27
C VAL A 878 -8.89 -20.35 -3.53
N VAL A 879 -8.28 -20.96 -4.53
CA VAL A 879 -8.98 -21.42 -5.70
C VAL A 879 -9.04 -22.91 -5.51
N ARG A 880 -10.24 -23.45 -5.25
CA ARG A 880 -10.46 -24.90 -5.14
C ARG A 880 -10.32 -25.52 -6.53
N ASN A 881 -10.09 -26.82 -6.57
CA ASN A 881 -9.98 -27.53 -7.85
C ASN A 881 -8.99 -26.87 -8.77
N SER A 882 -7.84 -26.52 -8.22
CA SER A 882 -6.69 -26.15 -9.04
C SER A 882 -5.50 -26.83 -8.41
N HIS A 883 -4.52 -27.15 -9.25
CA HIS A 883 -3.36 -27.89 -8.81
C HIS A 883 -2.14 -27.32 -9.54
N THR A 884 -0.98 -27.44 -8.88
CA THR A 884 0.31 -27.13 -9.50
C THR A 884 0.61 -28.20 -10.51
N ILE A 885 1.25 -27.78 -11.60
CA ILE A 885 1.62 -28.69 -12.67
C ILE A 885 2.41 -29.85 -12.04
N MET A 886 3.30 -29.53 -11.08
CA MET A 886 4.01 -30.57 -10.30
C MET A 886 3.10 -31.65 -9.73
N GLN A 887 2.00 -31.25 -9.09
CA GLN A 887 0.98 -32.19 -8.61
C GLN A 887 0.40 -33.04 -9.75
N ILE A 888 0.02 -32.39 -10.84
CA ILE A 888 -0.45 -33.11 -12.03
C ILE A 888 0.51 -34.23 -12.44
N GLN A 889 1.80 -33.94 -12.32
CA GLN A 889 2.84 -34.84 -12.80
C GLN A 889 3.21 -35.93 -11.81
N CYS A 890 3.20 -35.64 -10.51
CA CYS A 890 3.32 -36.71 -9.51
C CYS A 890 2.12 -37.66 -9.46
N LYS A 891 0.92 -37.12 -9.68
CA LYS A 891 -0.30 -37.94 -9.78
C LYS A 891 -0.46 -38.68 -11.13
N GLY A 892 0.37 -38.34 -12.13
CA GLY A 892 0.44 -39.09 -13.41
C GLY A 892 1.76 -39.79 -13.71
N GLY A 893 2.66 -39.86 -12.72
CA GLY A 893 3.97 -40.51 -12.87
C GLY A 893 3.87 -42.00 -12.62
N LEU A 894 4.43 -42.79 -13.54
CA LEU A 894 4.24 -44.24 -13.59
C LEU A 894 5.07 -44.97 -12.54
N LYS A 895 4.60 -46.15 -12.13
CA LYS A 895 5.21 -46.98 -11.06
C LYS A 895 6.72 -46.80 -10.81
N GLY A 896 7.55 -47.34 -11.71
CA GLY A 896 9.00 -47.25 -11.60
C GLY A 896 9.45 -45.87 -12.03
N ALA A 897 10.22 -45.19 -11.17
CA ALA A 897 10.49 -43.75 -11.29
C ALA A 897 10.71 -43.25 -12.73
N LEU A 898 11.83 -43.62 -13.36
CA LEU A 898 12.13 -43.32 -14.78
C LEU A 898 12.18 -41.77 -15.01
N GLN A 899 11.26 -41.19 -15.80
CA GLN A 899 11.13 -39.72 -15.98
C GLN A 899 9.63 -39.39 -16.05
N PHE A 900 9.27 -38.12 -15.87
CA PHE A 900 7.85 -37.70 -16.01
C PHE A 900 7.47 -37.47 -17.46
N ASN A 901 6.21 -37.78 -17.78
CA ASN A 901 5.70 -37.74 -19.15
C ASN A 901 5.13 -36.37 -19.53
N SER A 902 5.44 -35.88 -20.73
CA SER A 902 4.92 -34.60 -21.22
C SER A 902 3.39 -34.58 -21.41
N HIS A 903 2.86 -35.73 -21.80
CA HIS A 903 1.44 -35.88 -22.03
C HIS A 903 0.63 -35.87 -20.74
N THR A 904 1.21 -36.28 -19.61
CA THR A 904 0.44 -36.43 -18.36
C THR A 904 -0.48 -35.25 -18.08
N LEU A 905 -0.03 -34.03 -18.35
CA LEU A 905 -0.90 -32.84 -18.20
C LEU A 905 -2.11 -33.00 -19.08
N HIS A 906 -1.85 -33.20 -20.37
CA HIS A 906 -2.90 -33.44 -21.35
C HIS A 906 -3.81 -34.61 -20.97
N GLN A 907 -3.23 -35.74 -20.56
CA GLN A 907 -4.01 -36.93 -20.22
C GLN A 907 -4.83 -36.67 -18.97
N TRP A 908 -4.21 -36.03 -17.98
CA TRP A 908 -4.94 -35.60 -16.77
C TRP A 908 -6.08 -34.64 -17.12
N LEU A 909 -5.84 -33.76 -18.09
CA LEU A 909 -6.84 -32.79 -18.52
C LEU A 909 -7.98 -33.50 -19.25
N LYS A 910 -7.64 -34.37 -20.20
CA LYS A 910 -8.60 -35.25 -20.90
C LYS A 910 -9.48 -36.06 -19.96
N ASP A 911 -8.87 -36.67 -18.94
CA ASP A 911 -9.60 -37.37 -17.89
C ASP A 911 -10.70 -36.48 -17.29
N LYS A 912 -10.37 -35.21 -17.05
CA LYS A 912 -11.30 -34.25 -16.43
C LYS A 912 -12.37 -33.69 -17.37
N ASN A 913 -12.08 -33.62 -18.67
CA ASN A 913 -12.99 -33.02 -19.65
C ASN A 913 -13.18 -33.93 -20.88
N LYS A 914 -14.35 -34.57 -20.92
CA LYS A 914 -14.62 -35.69 -21.82
C LYS A 914 -15.84 -35.38 -22.67
N GLY A 915 -15.65 -35.29 -23.98
CA GLY A 915 -16.76 -35.06 -24.90
C GLY A 915 -16.62 -33.75 -25.63
N GLU A 916 -17.75 -33.05 -25.81
CA GLU A 916 -17.73 -31.66 -26.29
C GLU A 916 -17.09 -30.76 -25.21
N ILE A 917 -17.19 -31.23 -23.96
CA ILE A 917 -16.59 -30.62 -22.79
C ILE A 917 -15.06 -30.50 -22.94
N TYR A 918 -14.41 -31.58 -23.38
CA TYR A 918 -12.97 -31.54 -23.77
C TYR A 918 -12.63 -30.28 -24.61
N ASP A 919 -13.31 -30.10 -25.74
CA ASP A 919 -12.90 -29.09 -26.74
C ASP A 919 -12.84 -27.67 -26.19
N ALA A 920 -13.82 -27.33 -25.35
CA ALA A 920 -13.92 -26.00 -24.74
C ALA A 920 -12.82 -25.78 -23.70
N ALA A 921 -12.53 -26.83 -22.92
CA ALA A 921 -11.44 -26.82 -21.94
C ALA A 921 -10.04 -26.53 -22.53
N ILE A 922 -9.82 -26.87 -23.80
CA ILE A 922 -8.55 -26.56 -24.47
C ILE A 922 -8.51 -25.09 -24.88
N ASP A 923 -9.60 -24.62 -25.49
CA ASP A 923 -9.77 -23.21 -25.83
C ASP A 923 -9.55 -22.29 -24.63
N LEU A 924 -10.06 -22.71 -23.46
CA LEU A 924 -9.82 -21.99 -22.19
C LEU A 924 -8.34 -21.98 -21.77
N PHE A 925 -7.73 -23.16 -21.69
CA PHE A 925 -6.29 -23.30 -21.43
C PHE A 925 -5.53 -22.43 -22.40
N THR A 926 -5.94 -22.42 -23.66
CA THR A 926 -5.27 -21.61 -24.69
C THR A 926 -5.49 -20.12 -24.48
N ARG A 927 -6.75 -19.73 -24.29
CA ARG A 927 -7.08 -18.33 -23.97
C ARG A 927 -6.43 -17.86 -22.65
N SER A 928 -6.40 -18.72 -21.63
CA SER A 928 -5.74 -18.37 -20.37
C SER A 928 -4.21 -18.33 -20.55
N CYS A 929 -3.67 -19.35 -21.18
CA CYS A 929 -2.24 -19.45 -21.44
C CYS A 929 -1.70 -18.30 -22.31
N ALA A 930 -2.55 -17.75 -23.15
CA ALA A 930 -2.14 -16.61 -23.96
C ALA A 930 -2.06 -15.32 -23.14
N GLY A 931 -3.09 -15.05 -22.34
CA GLY A 931 -3.13 -13.82 -21.55
C GLY A 931 -2.00 -13.79 -20.55
N TYR A 932 -1.86 -14.89 -19.83
CA TYR A 932 -0.80 -15.04 -18.85
C TYR A 932 0.59 -15.07 -19.50
N CYS A 933 0.71 -15.47 -20.75
CA CYS A 933 2.01 -15.35 -21.43
C CYS A 933 2.44 -13.88 -21.60
N VAL A 934 1.50 -13.05 -22.04
CA VAL A 934 1.77 -11.66 -22.39
C VAL A 934 1.95 -10.81 -21.15
N ALA A 935 1.05 -11.01 -20.19
CA ALA A 935 1.04 -10.22 -18.94
C ALA A 935 2.38 -10.39 -18.25
N THR A 936 2.69 -11.66 -17.95
CA THR A 936 3.97 -12.13 -17.47
C THR A 936 5.18 -11.49 -18.11
N PHE A 937 5.29 -11.61 -19.43
CA PHE A 937 6.44 -11.09 -20.17
C PHE A 937 6.58 -9.57 -20.04
N ILE A 938 5.48 -8.85 -20.23
CA ILE A 938 5.48 -7.38 -20.08
C ILE A 938 5.92 -7.00 -18.66
N LEU A 939 5.33 -7.61 -17.64
CA LEU A 939 5.69 -7.31 -16.24
C LEU A 939 7.05 -7.87 -15.84
N GLY A 940 7.52 -8.87 -16.55
CA GLY A 940 8.84 -9.41 -16.33
C GLY A 940 8.96 -10.04 -14.97
N ILE A 941 7.94 -10.78 -14.55
CA ILE A 941 7.88 -11.31 -13.18
C ILE A 941 8.92 -12.43 -13.02
N GLY A 942 9.04 -13.00 -11.82
CA GLY A 942 9.98 -14.12 -11.58
C GLY A 942 9.85 -15.26 -12.59
N ASP A 943 10.97 -15.90 -12.93
CA ASP A 943 10.95 -17.11 -13.78
C ASP A 943 9.95 -18.08 -13.16
N ARG A 944 9.15 -18.73 -14.01
CA ARG A 944 8.07 -19.58 -13.52
C ARG A 944 8.06 -20.98 -14.08
N HIS A 945 7.79 -21.93 -13.18
CA HIS A 945 8.16 -23.33 -13.31
C HIS A 945 7.03 -24.22 -12.76
N ASN A 946 7.24 -25.53 -12.65
CA ASN A 946 6.17 -26.47 -12.31
C ASN A 946 5.41 -26.25 -11.00
N SER A 947 6.08 -25.69 -10.00
CA SER A 947 5.47 -25.45 -8.67
C SER A 947 4.92 -24.02 -8.47
N ASN A 948 4.70 -23.26 -9.55
CA ASN A 948 3.91 -22.02 -9.45
C ASN A 948 3.07 -21.63 -10.70
N ILE A 949 2.76 -22.64 -11.53
CA ILE A 949 1.78 -22.52 -12.60
C ILE A 949 0.71 -23.49 -12.17
N MET A 950 -0.55 -23.10 -12.37
CA MET A 950 -1.66 -23.91 -11.92
C MET A 950 -2.73 -24.05 -12.98
N VAL A 951 -3.26 -25.27 -13.06
CA VAL A 951 -4.34 -25.58 -13.97
C VAL A 951 -5.52 -26.03 -13.14
N LYS A 952 -6.72 -25.66 -13.60
CA LYS A 952 -7.96 -26.04 -12.94
C LYS A 952 -8.62 -27.21 -13.66
N ASP A 953 -9.46 -27.96 -12.93
CA ASP A 953 -10.23 -29.06 -13.50
C ASP A 953 -10.88 -28.66 -14.84
N ASP A 954 -11.52 -27.51 -14.85
CA ASP A 954 -12.16 -27.01 -16.07
C ASP A 954 -11.23 -26.52 -17.18
N GLY A 955 -9.93 -26.43 -16.88
CA GLY A 955 -8.89 -26.26 -17.90
C GLY A 955 -8.26 -24.88 -18.03
N GLN A 956 -8.49 -24.01 -17.05
CA GLN A 956 -7.89 -22.69 -17.02
C GLN A 956 -6.54 -22.75 -16.32
N LEU A 957 -5.56 -22.12 -16.96
CA LEU A 957 -4.21 -21.97 -16.42
C LEU A 957 -4.14 -20.62 -15.75
N PHE A 958 -3.44 -20.58 -14.62
CA PHE A 958 -3.17 -19.31 -13.96
C PHE A 958 -1.93 -19.43 -13.10
N HIS A 959 -1.25 -18.30 -12.91
CA HIS A 959 0.02 -18.24 -12.19
C HIS A 959 -0.17 -17.80 -10.75
N ILE A 960 0.75 -18.25 -9.90
CA ILE A 960 0.81 -17.83 -8.51
C ILE A 960 2.26 -17.45 -8.16
N ASP A 961 2.43 -16.91 -6.94
CA ASP A 961 3.74 -16.56 -6.37
C ASP A 961 4.60 -15.87 -7.44
N PHE A 962 4.35 -14.58 -7.60
CA PHE A 962 4.98 -13.81 -8.65
C PHE A 962 6.35 -13.34 -8.23
N GLY A 963 6.48 -12.99 -6.94
CA GLY A 963 7.75 -12.54 -6.38
C GLY A 963 8.07 -11.18 -6.93
N HIS A 964 9.31 -11.01 -7.39
CA HIS A 964 9.82 -9.72 -7.85
C HIS A 964 9.32 -9.36 -9.25
N PHE A 965 8.63 -8.22 -9.40
CA PHE A 965 7.94 -7.92 -10.66
C PHE A 965 8.79 -7.27 -11.75
N LEU A 966 9.26 -6.03 -11.62
CA LEU A 966 9.84 -5.35 -12.82
C LEU A 966 11.29 -5.74 -13.18
N ASP A 967 11.62 -7.00 -12.89
CA ASP A 967 12.94 -7.60 -13.08
C ASP A 967 13.89 -7.04 -12.05
N HIS A 968 13.64 -7.41 -10.80
CA HIS A 968 14.47 -6.99 -9.66
C HIS A 968 15.79 -7.76 -9.61
N LYS A 969 15.78 -9.00 -10.09
CA LYS A 969 17.00 -9.85 -10.12
C LYS A 969 18.01 -9.53 -11.25
N LYS A 970 17.69 -8.62 -12.17
CA LYS A 970 18.67 -8.22 -13.22
C LYS A 970 19.81 -7.33 -12.72
N LYS A 971 19.58 -6.62 -11.61
CA LYS A 971 20.62 -5.87 -10.87
C LYS A 971 21.99 -6.58 -10.82
N LYS A 972 21.96 -7.92 -10.79
CA LYS A 972 23.18 -8.74 -10.85
C LYS A 972 23.56 -9.06 -12.31
N LYS A 976 20.34 -5.78 -20.37
CA LYS A 976 19.37 -5.84 -21.46
C LYS A 976 18.91 -7.29 -21.64
N ARG A 977 18.47 -7.90 -20.53
CA ARG A 977 18.10 -9.32 -20.51
C ARG A 977 16.73 -9.56 -21.16
N GLU A 978 15.81 -8.59 -21.02
CA GLU A 978 14.46 -8.60 -21.65
C GLU A 978 13.85 -10.01 -21.64
N ARG A 979 13.71 -10.54 -20.42
CA ARG A 979 13.50 -11.98 -20.19
C ARG A 979 12.06 -12.47 -20.49
N VAL A 980 11.94 -13.76 -20.83
CA VAL A 980 10.64 -14.44 -20.94
C VAL A 980 10.49 -15.34 -19.72
N PRO A 981 9.60 -14.94 -18.77
CA PRO A 981 9.44 -15.74 -17.55
C PRO A 981 8.53 -16.96 -17.73
N PHE A 982 7.63 -16.91 -18.72
CA PHE A 982 6.73 -18.03 -19.02
C PHE A 982 7.18 -18.70 -20.31
N VAL A 983 7.94 -19.79 -20.13
CA VAL A 983 8.60 -20.51 -21.21
C VAL A 983 7.77 -21.75 -21.44
N LEU A 984 7.13 -21.83 -22.61
CA LEU A 984 6.14 -22.88 -22.88
C LEU A 984 6.82 -24.16 -23.28
N THR A 985 7.03 -25.05 -22.31
CA THR A 985 7.55 -26.39 -22.63
C THR A 985 6.56 -27.17 -23.51
N GLN A 986 7.00 -28.35 -23.94
CA GLN A 986 6.14 -29.27 -24.67
C GLN A 986 4.76 -29.45 -23.98
N ASP A 987 4.80 -29.78 -22.68
CA ASP A 987 3.58 -30.00 -21.87
C ASP A 987 2.40 -29.12 -22.26
N PHE A 988 2.71 -27.83 -22.39
CA PHE A 988 1.72 -26.79 -22.67
C PHE A 988 1.36 -26.83 -24.14
N LEU A 989 2.38 -26.93 -24.98
CA LEU A 989 2.20 -26.96 -26.44
C LEU A 989 1.37 -28.13 -26.91
N ILE A 990 1.59 -29.29 -26.28
CA ILE A 990 0.82 -30.51 -26.57
C ILE A 990 -0.64 -30.23 -26.33
N VAL A 991 -0.94 -29.66 -25.17
CA VAL A 991 -2.30 -29.32 -24.77
C VAL A 991 -2.89 -28.30 -25.75
N ILE A 992 -2.08 -27.30 -26.14
CA ILE A 992 -2.56 -26.19 -26.98
C ILE A 992 -3.07 -26.66 -28.35
N SER A 993 -2.24 -27.42 -29.06
CA SER A 993 -2.69 -28.16 -30.23
C SER A 993 -3.30 -29.46 -29.74
N LYS A 994 -4.58 -29.74 -30.07
CA LYS A 994 -5.40 -30.73 -29.32
C LYS A 994 -4.75 -32.03 -28.85
N GLY A 995 -3.68 -32.46 -29.51
CA GLY A 995 -2.87 -33.57 -29.06
C GLY A 995 -2.14 -34.07 -30.28
N ALA A 996 -0.83 -33.87 -30.32
CA ALA A 996 -0.07 -34.06 -31.55
C ALA A 996 1.41 -34.13 -31.25
N GLN A 997 2.16 -34.46 -32.29
CA GLN A 997 3.62 -34.42 -32.24
C GLN A 997 4.02 -33.30 -33.19
N GLU A 998 5.05 -32.55 -32.80
CA GLU A 998 5.47 -31.31 -33.49
C GLU A 998 4.33 -30.28 -33.51
N CYS A 999 4.07 -29.76 -32.32
CA CYS A 999 2.92 -28.92 -32.00
C CYS A 999 3.07 -27.50 -32.52
N THR A 1000 4.31 -27.12 -32.88
CA THR A 1000 4.61 -25.86 -33.57
C THR A 1000 3.80 -25.58 -34.84
N LYS A 1001 3.24 -26.62 -35.46
CA LYS A 1001 2.86 -26.59 -36.88
C LYS A 1001 1.35 -26.84 -37.11
N THR A 1002 0.55 -26.63 -36.06
CA THR A 1002 -0.89 -26.87 -36.06
C THR A 1002 -1.61 -25.52 -36.20
N ARG A 1003 -2.80 -25.46 -36.81
CA ARG A 1003 -3.57 -24.20 -36.84
C ARG A 1003 -3.84 -23.68 -35.42
N GLU A 1004 -4.21 -24.61 -34.53
CA GLU A 1004 -4.52 -24.36 -33.10
C GLU A 1004 -3.49 -23.45 -32.42
N PHE A 1005 -2.22 -23.71 -32.72
CA PHE A 1005 -1.07 -22.93 -32.23
C PHE A 1005 -0.92 -21.59 -32.96
N GLU A 1006 -1.16 -21.57 -34.26
CA GLU A 1006 -1.16 -20.31 -34.99
C GLU A 1006 -2.25 -19.38 -34.46
N ARG A 1007 -3.41 -19.94 -34.12
CA ARG A 1007 -4.44 -19.17 -33.40
C ARG A 1007 -3.89 -18.62 -32.11
N PHE A 1008 -3.30 -19.50 -31.30
CA PHE A 1008 -2.72 -19.12 -29.99
C PHE A 1008 -1.78 -17.92 -30.10
N GLN A 1009 -0.83 -17.99 -31.03
CA GLN A 1009 0.12 -16.89 -31.27
C GLN A 1009 -0.61 -15.61 -31.63
N GLU A 1010 -1.56 -15.71 -32.54
CA GLU A 1010 -2.34 -14.56 -32.98
C GLU A 1010 -3.07 -13.89 -31.80
N MET A 1011 -3.47 -14.68 -30.80
CA MET A 1011 -4.01 -14.12 -29.54
C MET A 1011 -2.89 -13.33 -28.85
N CYS A 1012 -1.73 -13.97 -28.65
CA CYS A 1012 -0.55 -13.36 -28.01
C CYS A 1012 -0.12 -12.02 -28.65
N TYR A 1013 -0.24 -11.91 -29.98
CA TYR A 1013 0.10 -10.66 -30.66
C TYR A 1013 -0.97 -9.58 -30.46
N LYS A 1014 -2.25 -9.94 -30.61
CA LYS A 1014 -3.37 -8.99 -30.43
C LYS A 1014 -3.49 -8.51 -28.98
N ALA A 1015 -3.15 -9.38 -28.03
CA ALA A 1015 -3.04 -9.01 -26.61
C ALA A 1015 -1.86 -8.05 -26.38
N TYR A 1016 -0.65 -8.51 -26.73
CA TYR A 1016 0.57 -7.68 -26.65
C TYR A 1016 0.37 -6.23 -27.10
N LEU A 1017 -0.31 -6.04 -28.21
CA LEU A 1017 -0.51 -4.71 -28.76
C LEU A 1017 -1.57 -3.90 -28.01
N ALA A 1018 -2.68 -4.54 -27.65
CA ALA A 1018 -3.78 -3.85 -26.97
C ALA A 1018 -3.30 -3.20 -25.67
N ILE A 1019 -2.44 -3.90 -24.94
CA ILE A 1019 -1.80 -3.37 -23.74
C ILE A 1019 -0.83 -2.24 -24.07
N ARG A 1020 -0.04 -2.45 -25.13
CA ARG A 1020 0.86 -1.42 -25.66
C ARG A 1020 0.16 -0.08 -25.87
N GLN A 1021 -1.08 -0.12 -26.35
CA GLN A 1021 -1.86 1.10 -26.56
C GLN A 1021 -2.32 1.78 -25.26
N HIS A 1022 -2.36 1.03 -24.15
CA HIS A 1022 -2.63 1.61 -22.83
C HIS A 1022 -1.40 1.66 -21.93
N ALA A 1023 -0.22 1.68 -22.52
CA ALA A 1023 1.03 1.73 -21.77
C ALA A 1023 1.15 2.96 -20.87
N ASN A 1024 0.45 4.03 -21.18
CA ASN A 1024 0.48 5.23 -20.35
C ASN A 1024 -0.02 4.93 -18.93
N LEU A 1025 -1.18 4.28 -18.87
CA LEU A 1025 -1.77 3.85 -17.61
C LEU A 1025 -0.81 2.99 -16.80
N PHE A 1026 -0.26 1.98 -17.44
CA PHE A 1026 0.57 1.04 -16.72
C PHE A 1026 1.81 1.66 -16.11
N ILE A 1027 2.47 2.54 -16.87
CA ILE A 1027 3.52 3.40 -16.36
C ILE A 1027 2.99 4.09 -15.11
N ASN A 1028 1.89 4.83 -15.28
CA ASN A 1028 1.29 5.64 -14.21
C ASN A 1028 0.85 4.88 -12.97
N LEU A 1029 0.38 3.65 -13.15
CA LEU A 1029 0.05 2.81 -12.01
C LEU A 1029 1.32 2.51 -11.22
N PHE A 1030 2.37 2.06 -11.91
CA PHE A 1030 3.66 1.83 -11.26
C PHE A 1030 4.26 3.13 -10.70
N SER A 1031 4.13 4.23 -11.44
CA SER A 1031 4.64 5.53 -10.97
C SER A 1031 4.06 5.96 -9.62
N MET A 1032 2.76 5.79 -9.45
CA MET A 1032 2.09 6.18 -8.21
C MET A 1032 2.47 5.31 -7.02
N MET A 1033 2.92 4.08 -7.29
CA MET A 1033 3.35 3.15 -6.23
C MET A 1033 4.80 3.33 -5.72
N LEU A 1034 5.55 4.28 -6.27
CA LEU A 1034 6.91 4.58 -5.77
C LEU A 1034 6.90 4.96 -4.28
N GLY A 1035 5.79 5.57 -3.83
CA GLY A 1035 5.52 5.82 -2.41
C GLY A 1035 5.94 4.69 -1.49
N SER A 1036 5.24 3.57 -1.57
CA SER A 1036 5.49 2.43 -0.68
C SER A 1036 6.93 2.02 -0.81
N GLY A 1037 7.48 1.52 0.29
CA GLY A 1037 8.86 1.06 0.32
C GLY A 1037 9.00 -0.36 -0.19
N MET A 1038 8.54 -0.59 -1.42
CA MET A 1038 8.76 -1.85 -2.11
C MET A 1038 10.16 -1.68 -2.71
N PRO A 1039 11.07 -2.64 -2.49
CA PRO A 1039 12.34 -2.51 -3.15
C PRO A 1039 12.26 -2.52 -4.67
N GLU A 1040 11.20 -3.10 -5.25
CA GLU A 1040 11.09 -3.23 -6.71
C GLU A 1040 10.61 -1.93 -7.38
N LEU A 1041 10.16 -0.95 -6.58
CA LEU A 1041 9.80 0.40 -7.05
C LEU A 1041 10.53 1.47 -6.27
N GLN A 1042 11.79 1.72 -6.62
CA GLN A 1042 12.63 2.69 -5.91
C GLN A 1042 12.67 4.02 -6.61
N SER A 1043 12.99 4.04 -7.90
CA SER A 1043 12.82 5.26 -8.73
C SER A 1043 12.48 4.94 -10.19
N PHE A 1044 12.07 5.97 -10.92
CA PHE A 1044 11.43 5.81 -12.25
C PHE A 1044 12.12 4.92 -13.31
N ASP A 1045 13.42 4.69 -13.21
CA ASP A 1045 14.06 3.75 -14.15
C ASP A 1045 13.75 2.29 -13.79
N ASP A 1046 13.49 1.98 -12.51
CA ASP A 1046 12.85 0.70 -12.18
C ASP A 1046 11.67 0.47 -13.15
N ILE A 1047 10.79 1.46 -13.24
CA ILE A 1047 9.60 1.40 -14.11
C ILE A 1047 9.98 1.38 -15.57
N ALA A 1048 11.13 1.95 -15.92
CA ALA A 1048 11.58 1.93 -17.31
C ALA A 1048 11.70 0.55 -17.98
N TYR A 1049 11.84 -0.54 -17.21
CA TYR A 1049 11.77 -1.90 -17.81
C TYR A 1049 10.53 -2.01 -18.70
N ILE A 1050 9.37 -1.71 -18.15
CA ILE A 1050 8.10 -1.80 -18.90
C ILE A 1050 8.14 -1.07 -20.26
N ARG A 1051 9.08 -0.14 -20.44
CA ARG A 1051 9.24 0.54 -21.72
C ARG A 1051 9.84 -0.38 -22.75
N LYS A 1052 10.98 -0.98 -22.41
CA LYS A 1052 11.70 -1.83 -23.35
C LYS A 1052 10.83 -3.01 -23.77
N THR A 1053 10.18 -3.60 -22.78
CA THR A 1053 9.37 -4.80 -22.95
C THR A 1053 8.10 -4.53 -23.80
N LEU A 1054 7.47 -3.36 -23.62
CA LEU A 1054 6.37 -2.92 -24.48
C LEU A 1054 6.88 -2.27 -25.78
N ALA A 1055 8.18 -1.94 -25.83
CA ALA A 1055 8.83 -1.33 -26.99
C ALA A 1055 8.14 -0.03 -27.39
N LEU A 1056 8.26 0.99 -26.54
CA LEU A 1056 7.52 2.25 -26.70
C LEU A 1056 8.28 3.25 -27.57
N ASP A 1057 9.62 3.14 -27.57
CA ASP A 1057 10.50 3.96 -28.43
C ASP A 1057 10.34 3.63 -29.93
N LYS A 1058 9.97 2.39 -30.25
CA LYS A 1058 9.78 1.93 -31.63
C LYS A 1058 8.37 2.25 -32.14
N THR A 1059 8.05 1.81 -33.36
CA THR A 1059 6.68 1.80 -33.90
C THR A 1059 6.08 0.44 -33.66
N GLU A 1060 4.76 0.35 -33.78
CA GLU A 1060 4.06 -0.86 -33.37
C GLU A 1060 4.42 -2.09 -34.22
N GLN A 1061 4.62 -1.88 -35.53
CA GLN A 1061 5.02 -2.99 -36.40
C GLN A 1061 6.36 -3.57 -35.96
N GLU A 1062 7.27 -2.71 -35.48
CA GLU A 1062 8.53 -3.17 -34.92
C GLU A 1062 8.30 -3.86 -33.59
N ALA A 1063 7.46 -3.25 -32.76
CA ALA A 1063 7.12 -3.78 -31.44
C ALA A 1063 6.56 -5.19 -31.55
N LEU A 1064 5.64 -5.39 -32.50
CA LEU A 1064 5.14 -6.74 -32.87
C LEU A 1064 6.28 -7.73 -33.10
N GLU A 1065 7.21 -7.31 -33.95
CA GLU A 1065 8.35 -8.12 -34.35
C GLU A 1065 9.35 -8.30 -33.21
N TYR A 1066 9.60 -7.23 -32.46
CA TYR A 1066 10.40 -7.30 -31.23
C TYR A 1066 9.89 -8.40 -30.31
N PHE A 1067 8.56 -8.46 -30.15
CA PHE A 1067 7.93 -9.44 -29.28
C PHE A 1067 8.11 -10.87 -29.81
N MET A 1068 7.92 -11.05 -31.12
CA MET A 1068 8.17 -12.34 -31.78
C MET A 1068 9.63 -12.75 -31.63
N LYS A 1069 10.54 -11.82 -31.91
CA LYS A 1069 11.99 -12.01 -31.67
C LYS A 1069 12.25 -12.49 -30.24
N GLN A 1070 11.69 -11.75 -29.29
CA GLN A 1070 11.80 -12.10 -27.88
C GLN A 1070 11.19 -13.47 -27.61
N MET A 1071 9.99 -13.70 -28.15
CA MET A 1071 9.30 -14.98 -27.91
C MET A 1071 9.95 -16.18 -28.62
N ASN A 1072 10.67 -15.93 -29.72
CA ASN A 1072 11.30 -17.02 -30.48
C ASN A 1072 12.58 -17.58 -29.83
N ASP A 1073 13.49 -16.70 -29.35
CA ASP A 1073 14.77 -17.13 -28.75
C ASP A 1073 14.72 -17.79 -27.36
N ALA A 1074 13.61 -17.57 -26.64
CA ALA A 1074 13.35 -18.24 -25.37
C ALA A 1074 12.81 -19.66 -25.60
N HIS A 1075 12.10 -19.85 -26.70
CA HIS A 1075 11.50 -21.13 -27.10
C HIS A 1075 12.38 -21.92 -28.09
N HIS A 1076 13.18 -21.21 -28.91
CA HIS A 1076 13.98 -21.79 -30.02
C HIS A 1076 13.11 -22.41 -31.13
N GLY A 1077 12.26 -21.56 -31.73
CA GLY A 1077 11.44 -21.96 -32.89
C GLY A 1077 9.97 -21.57 -32.81
N GLY A 1078 9.35 -21.46 -33.98
CA GLY A 1078 7.90 -21.24 -34.09
C GLY A 1078 7.49 -19.84 -34.53
N TRP A 1079 8.09 -18.81 -33.94
CA TRP A 1079 7.45 -17.48 -33.92
C TRP A 1079 7.70 -16.49 -35.06
N THR A 1080 8.76 -16.66 -35.86
CA THR A 1080 9.07 -15.72 -36.97
C THR A 1080 8.21 -15.96 -38.22
N THR A 1081 7.82 -17.22 -38.45
CA THR A 1081 6.89 -17.60 -39.53
C THR A 1081 5.59 -16.79 -39.43
N LYS A 1082 4.90 -16.60 -40.56
CA LYS A 1082 3.63 -15.84 -40.60
C LYS A 1082 2.47 -16.61 -41.25
N MET A 1083 1.95 -17.61 -40.51
CA MET A 1083 0.68 -18.30 -40.81
C MET A 1083 0.64 -18.96 -42.20
N ASP A 1084 1.23 -20.15 -42.29
CA ASP A 1084 1.39 -20.87 -43.56
C ASP A 1084 0.42 -22.05 -43.63
N GLN B 8 34.22 7.84 -36.03
CA GLN B 8 32.99 7.29 -35.37
C GLN B 8 33.18 7.03 -33.86
N ASP B 9 34.36 6.50 -33.48
CA ASP B 9 34.70 6.16 -32.08
C ASP B 9 34.20 7.26 -31.11
N ALA B 10 34.75 8.47 -31.24
CA ALA B 10 34.24 9.70 -30.61
C ALA B 10 33.82 9.64 -29.11
N GLU B 11 34.52 8.84 -28.29
CA GLU B 11 34.40 8.80 -26.80
C GLU B 11 32.98 8.93 -26.19
N TRP B 12 32.51 10.17 -26.07
CA TRP B 12 31.18 10.48 -25.47
C TRP B 12 30.01 10.01 -26.34
N TYR B 13 30.23 9.92 -27.65
CA TYR B 13 29.20 9.45 -28.59
C TYR B 13 29.07 7.95 -28.43
N TRP B 14 27.82 7.48 -28.29
CA TRP B 14 27.53 6.05 -28.28
C TRP B 14 26.67 5.73 -29.50
N GLY B 15 25.47 6.31 -29.58
CA GLY B 15 24.58 6.16 -30.75
C GLY B 15 24.07 4.74 -30.93
N ARG B 19 18.28 5.45 -23.75
CA ARG B 19 17.61 6.24 -22.72
C ARG B 19 17.82 5.62 -21.37
N GLU B 20 17.47 4.34 -21.28
CA GLU B 20 17.51 3.63 -20.00
C GLU B 20 18.98 3.53 -19.58
N GLU B 21 19.81 2.96 -20.46
CA GLU B 21 21.26 2.87 -20.23
C GLU B 21 22.02 4.19 -20.37
N VAL B 22 21.39 5.22 -20.93
CA VAL B 22 21.91 6.60 -20.86
C VAL B 22 21.81 7.13 -19.42
N ASN B 23 20.63 7.03 -18.80
CA ASN B 23 20.43 7.43 -17.39
C ASN B 23 21.26 6.60 -16.39
N GLU B 24 21.47 5.31 -16.68
CA GLU B 24 22.29 4.42 -15.82
C GLU B 24 23.79 4.72 -15.88
N LYS B 25 24.29 5.09 -17.07
CA LYS B 25 25.67 5.60 -17.20
C LYS B 25 25.81 7.00 -16.61
N LEU B 26 24.74 7.79 -16.67
CA LEU B 26 24.68 9.11 -16.01
C LEU B 26 24.47 9.04 -14.49
N ARG B 27 23.84 7.97 -13.98
CA ARG B 27 23.62 7.77 -12.54
C ARG B 27 24.92 7.97 -11.72
N ASP B 28 24.85 8.83 -10.70
CA ASP B 28 26.01 9.26 -9.87
C ASP B 28 27.25 9.72 -10.66
N THR B 29 27.14 10.90 -11.27
CA THR B 29 28.29 11.63 -11.85
C THR B 29 28.10 13.15 -11.68
N ASP B 31 27.89 16.35 -11.83
CA ASP B 31 27.21 17.56 -12.30
C ASP B 31 28.10 18.27 -13.34
N GLY B 32 27.66 18.29 -14.60
CA GLY B 32 28.48 18.78 -15.72
C GLY B 32 28.82 17.68 -16.71
N THR B 33 28.74 16.42 -16.26
CA THR B 33 28.96 15.24 -17.08
C THR B 33 27.93 15.14 -18.23
N PHE B 34 28.39 14.64 -19.38
CA PHE B 34 27.54 14.50 -20.57
C PHE B 34 27.90 13.30 -21.45
N LEU B 35 27.01 13.04 -22.40
CA LEU B 35 27.19 12.04 -23.45
C LEU B 35 26.12 12.23 -24.52
N VAL B 36 26.48 11.99 -25.79
CA VAL B 36 25.55 12.16 -26.93
C VAL B 36 24.96 10.81 -27.37
N LYS B 42 13.56 8.32 -36.12
CA LYS B 42 14.25 9.23 -37.01
C LYS B 42 13.38 10.45 -37.36
N MET B 43 12.10 10.22 -37.66
CA MET B 43 11.13 11.31 -37.90
C MET B 43 10.67 11.84 -36.53
N HIS B 44 11.55 12.65 -35.94
CA HIS B 44 11.45 13.14 -34.55
C HIS B 44 12.71 14.00 -34.27
N GLY B 45 13.89 13.39 -34.43
CA GLY B 45 15.18 14.07 -34.35
C GLY B 45 16.35 13.21 -34.83
N ASP B 46 17.57 13.59 -34.45
CA ASP B 46 18.80 12.84 -34.77
C ASP B 46 19.65 12.54 -33.51
N TYR B 47 20.52 13.47 -33.08
CA TYR B 47 21.40 13.25 -31.90
C TYR B 47 21.02 14.15 -30.73
N THR B 48 20.94 13.55 -29.55
CA THR B 48 20.55 14.23 -28.30
C THR B 48 21.73 14.30 -27.32
N LEU B 49 21.97 15.47 -26.73
CA LEU B 49 23.00 15.70 -25.70
C LEU B 49 22.35 15.60 -24.30
N THR B 50 22.66 14.54 -23.56
CA THR B 50 22.12 14.34 -22.19
C THR B 50 23.13 14.85 -21.16
N LEU B 51 23.07 16.15 -20.88
CA LEU B 51 23.95 16.80 -19.89
C LEU B 51 23.30 16.78 -18.51
N ARG B 52 24.00 16.20 -17.54
CA ARG B 52 23.45 15.98 -16.21
C ARG B 52 23.30 17.27 -15.39
N ASN B 57 19.52 15.60 -15.24
CA ASN B 57 19.50 15.08 -16.61
C ASN B 57 18.74 15.99 -17.59
N LYS B 58 19.50 16.83 -18.30
CA LYS B 58 19.00 17.77 -19.31
C LYS B 58 19.25 17.25 -20.75
N LEU B 59 18.19 16.75 -21.41
CA LEU B 59 18.28 16.32 -22.82
C LEU B 59 18.23 17.56 -23.75
N ILE B 60 19.17 17.65 -24.69
CA ILE B 60 19.22 18.75 -25.68
C ILE B 60 19.30 18.15 -27.09
N LYS B 61 18.26 18.36 -27.91
CA LYS B 61 18.17 17.85 -29.30
C LYS B 61 19.38 18.20 -30.18
N VAL B 80 28.72 16.42 -36.21
CA VAL B 80 28.38 16.17 -34.81
C VAL B 80 29.55 16.52 -33.88
N VAL B 81 30.78 16.12 -34.27
CA VAL B 81 31.99 16.36 -33.45
C VAL B 81 32.35 17.87 -33.42
N GLU B 82 31.83 18.64 -34.39
CA GLU B 82 31.95 20.10 -34.42
C GLU B 82 31.30 20.79 -33.20
N LEU B 83 30.06 20.43 -32.88
CA LEU B 83 29.25 21.18 -31.90
C LEU B 83 29.60 20.97 -30.41
N ILE B 84 30.13 19.81 -30.04
CA ILE B 84 30.44 19.48 -28.64
C ILE B 84 31.82 20.01 -28.18
N ASN B 85 32.78 20.07 -29.10
CA ASN B 85 34.12 20.62 -28.81
C ASN B 85 34.09 22.12 -28.48
N HIS B 86 33.10 22.83 -29.02
CA HIS B 86 32.78 24.22 -28.66
C HIS B 86 32.23 24.31 -27.21
N TYR B 87 31.28 23.44 -26.88
CA TYR B 87 30.56 23.49 -25.58
C TYR B 87 31.22 22.74 -24.40
N ARG B 88 32.31 22.01 -24.64
CA ARG B 88 33.15 21.53 -23.53
C ARG B 88 33.95 22.71 -22.94
N ASN B 89 34.45 23.59 -23.80
CA ASN B 89 35.11 24.84 -23.38
C ASN B 89 34.15 25.84 -22.71
N GLU B 90 33.04 26.12 -23.39
CA GLU B 90 32.11 27.21 -23.02
C GLU B 90 30.76 26.70 -22.48
N SER B 91 30.06 27.56 -21.73
CA SER B 91 28.81 27.21 -21.07
C SER B 91 27.63 27.17 -22.04
N LEU B 92 26.46 26.74 -21.53
CA LEU B 92 25.22 26.61 -22.32
C LEU B 92 24.17 27.69 -21.95
N ALA B 93 24.60 28.80 -21.36
CA ALA B 93 23.70 29.87 -20.94
C ALA B 93 23.39 30.86 -22.09
N GLN B 94 24.39 31.20 -22.90
CA GLN B 94 24.18 32.14 -24.05
C GLN B 94 23.35 31.59 -25.23
N TYR B 95 23.19 30.27 -25.29
CA TYR B 95 22.32 29.59 -26.27
C TYR B 95 20.89 29.49 -25.74
N ASN B 96 20.76 29.06 -24.48
CA ASN B 96 19.47 29.00 -23.77
C ASN B 96 19.68 29.43 -22.30
N PRO B 97 19.13 30.61 -21.90
CA PRO B 97 19.48 31.28 -20.62
C PRO B 97 19.94 30.38 -19.45
N LYS B 98 19.05 29.57 -18.87
CA LYS B 98 19.39 28.78 -17.68
C LYS B 98 20.06 27.47 -18.12
N TYR B 105 32.94 17.38 -18.35
CA TYR B 105 33.17 15.98 -17.99
C TYR B 105 32.68 15.03 -19.08
N PRO B 106 33.45 14.88 -20.17
CA PRO B 106 33.05 14.00 -21.27
C PRO B 106 33.23 12.51 -20.93
N VAL B 107 32.48 12.01 -19.95
CA VAL B 107 32.66 10.67 -19.41
C VAL B 107 31.66 9.72 -20.10
N VAL B 124 40.15 -10.96 -17.78
CA VAL B 124 39.10 -9.94 -17.72
C VAL B 124 37.70 -10.56 -17.59
N GLY B 125 37.44 -11.69 -18.26
CA GLY B 125 36.15 -12.39 -18.18
C GLY B 125 35.89 -13.14 -16.88
N LYS B 126 36.94 -13.74 -16.33
CA LYS B 126 36.90 -14.40 -15.01
C LYS B 126 36.86 -13.36 -13.89
N LYS B 127 37.53 -12.22 -14.09
CA LYS B 127 37.47 -11.07 -13.17
C LYS B 127 36.06 -10.50 -12.99
N LEU B 128 35.25 -10.56 -14.04
CA LEU B 128 33.83 -10.22 -13.95
C LEU B 128 33.11 -11.13 -12.96
N HIS B 129 33.36 -12.44 -13.04
CA HIS B 129 32.82 -13.41 -12.07
C HIS B 129 33.37 -13.22 -10.64
N GLU B 130 34.65 -12.86 -10.52
CA GLU B 130 35.30 -12.63 -9.22
C GLU B 130 34.80 -11.36 -8.51
N TYR B 131 34.72 -10.26 -9.26
CA TYR B 131 34.19 -8.98 -8.73
C TYR B 131 32.67 -8.95 -8.60
N ASN B 132 31.97 -9.78 -9.36
CA ASN B 132 30.52 -9.96 -9.20
C ASN B 132 30.18 -10.73 -7.90
N THR B 133 30.96 -11.76 -7.55
CA THR B 133 30.76 -12.54 -6.30
C THR B 133 31.13 -11.72 -5.03
N GLN B 134 32.03 -10.74 -5.15
CA GLN B 134 32.30 -9.78 -4.06
C GLN B 134 31.11 -8.85 -3.87
N PHE B 135 30.70 -8.22 -4.97
CA PHE B 135 29.55 -7.31 -5.00
C PHE B 135 28.25 -7.98 -4.49
N GLN B 136 27.97 -9.18 -4.99
CA GLN B 136 26.79 -9.96 -4.54
C GLN B 136 26.93 -10.48 -3.09
N GLU B 137 28.17 -10.73 -2.64
CA GLU B 137 28.46 -11.01 -1.22
C GLU B 137 28.23 -9.76 -0.36
N LYS B 138 28.72 -8.62 -0.86
CA LYS B 138 28.64 -7.35 -0.14
C LYS B 138 27.19 -6.86 -0.02
N SER B 139 26.40 -7.05 -1.08
CA SER B 139 24.96 -6.68 -1.10
C SER B 139 24.12 -7.45 -0.10
N ARG B 140 24.39 -8.75 0.07
CA ARG B 140 23.77 -9.54 1.14
C ARG B 140 24.20 -9.02 2.52
N GLU B 141 25.50 -8.78 2.69
CA GLU B 141 26.05 -8.22 3.93
C GLU B 141 25.36 -6.90 4.24
N TYR B 142 25.25 -6.04 3.24
CA TYR B 142 24.48 -4.80 3.35
C TYR B 142 23.00 -5.08 3.67
N ASP B 143 22.38 -6.01 2.93
CA ASP B 143 20.97 -6.39 3.16
C ASP B 143 20.69 -7.02 4.53
N ARG B 144 21.61 -7.88 4.98
CA ARG B 144 21.59 -8.47 6.33
C ARG B 144 21.55 -7.36 7.38
N LEU B 145 22.56 -6.52 7.30
CA LEU B 145 22.82 -5.48 8.30
C LEU B 145 21.74 -4.41 8.35
N TYR B 146 21.07 -4.16 7.23
CA TYR B 146 19.93 -3.24 7.18
C TYR B 146 18.68 -3.82 7.88
N GLU B 147 18.52 -5.15 7.88
CA GLU B 147 17.47 -5.78 8.72
C GLU B 147 17.87 -5.61 10.18
N GLU B 148 19.06 -6.10 10.53
CA GLU B 148 19.61 -6.00 11.90
C GLU B 148 19.42 -4.60 12.46
N TYR B 149 19.75 -3.61 11.63
CA TYR B 149 19.43 -2.21 11.89
C TYR B 149 17.91 -2.05 12.16
N THR B 150 17.05 -2.35 11.17
CA THR B 150 15.61 -2.05 11.26
C THR B 150 14.90 -2.86 12.36
N ARG B 151 15.37 -4.07 12.62
CA ARG B 151 14.82 -4.88 13.70
C ARG B 151 15.18 -4.24 15.04
N THR B 152 16.47 -4.00 15.25
CA THR B 152 16.94 -3.35 16.48
C THR B 152 16.23 -2.02 16.73
N SER B 153 16.04 -1.23 15.68
CA SER B 153 15.22 -0.02 15.76
C SER B 153 13.85 -0.33 16.40
N GLN B 154 13.21 -1.40 15.93
CA GLN B 154 11.91 -1.80 16.47
C GLN B 154 12.05 -2.27 17.91
N GLU B 155 12.88 -3.31 18.10
CA GLU B 155 13.10 -3.90 19.43
C GLU B 155 13.35 -2.84 20.50
N ILE B 156 14.18 -1.86 20.14
CA ILE B 156 14.47 -0.71 21.00
C ILE B 156 13.21 0.07 21.35
N GLN B 157 12.44 0.44 20.33
CA GLN B 157 11.25 1.24 20.56
C GLN B 157 10.20 0.48 21.39
N MET B 158 10.10 -0.83 21.16
CA MET B 158 9.30 -1.75 22.00
C MET B 158 9.71 -1.78 23.47
N LYS B 159 11.01 -1.70 23.71
CA LYS B 159 11.53 -1.49 25.06
C LYS B 159 11.07 -0.12 25.60
N ARG B 160 11.29 0.95 24.83
CA ARG B 160 10.93 2.30 25.32
C ARG B 160 9.46 2.37 25.75
N THR B 161 8.59 1.77 24.94
CA THR B 161 7.14 1.71 25.24
C THR B 161 6.93 0.89 26.48
N ALA B 162 7.63 -0.24 26.56
CA ALA B 162 7.62 -1.10 27.75
C ALA B 162 8.05 -0.36 29.02
N ILE B 163 9.09 0.47 28.88
CA ILE B 163 9.56 1.28 29.98
C ILE B 163 8.51 2.28 30.43
N GLU B 164 7.85 2.92 29.46
CA GLU B 164 6.70 3.77 29.77
C GLU B 164 5.61 2.96 30.50
N ALA B 165 5.31 1.77 29.98
CA ALA B 165 4.31 0.89 30.60
C ALA B 165 4.68 0.57 32.02
N PHE B 166 5.94 0.12 32.20
CA PHE B 166 6.49 -0.18 33.53
C PHE B 166 6.31 1.00 34.47
N ASN B 167 6.81 2.16 34.04
CA ASN B 167 6.66 3.38 34.82
C ASN B 167 5.22 3.62 35.18
N GLU B 168 4.35 3.51 34.18
CA GLU B 168 2.94 3.75 34.37
C GLU B 168 2.32 2.74 35.34
N THR B 169 2.77 1.49 35.24
CA THR B 169 2.37 0.43 36.16
C THR B 169 2.76 0.84 37.57
N ILE B 170 4.03 1.18 37.74
CA ILE B 170 4.60 1.53 39.06
C ILE B 170 3.80 2.63 39.75
N LYS B 171 3.49 3.69 39.00
CA LYS B 171 2.61 4.73 39.50
C LYS B 171 1.43 4.13 40.24
N ILE B 172 0.73 3.19 39.59
CA ILE B 172 -0.54 2.67 40.10
C ILE B 172 -0.35 1.93 41.42
N PHE B 173 0.83 1.30 41.57
CA PHE B 173 1.23 0.62 42.80
C PHE B 173 1.76 1.59 43.86
N GLU B 174 2.53 2.61 43.46
CA GLU B 174 2.95 3.68 44.40
C GLU B 174 1.69 4.33 44.95
N GLU B 175 0.78 4.69 44.03
CA GLU B 175 -0.57 5.18 44.37
C GLU B 175 -1.33 4.23 45.30
N GLN B 176 -1.16 2.92 45.13
CA GLN B 176 -1.87 1.92 45.93
C GLN B 176 -1.35 1.83 47.37
N CYS B 177 -0.03 1.78 47.55
CA CYS B 177 0.56 1.69 48.90
C CYS B 177 0.22 2.97 49.68
N GLN B 178 0.20 4.09 48.96
CA GLN B 178 -0.32 5.35 49.49
C GLN B 178 -1.81 5.21 49.82
N THR B 179 -2.63 4.86 48.83
CA THR B 179 -4.08 4.65 49.04
C THR B 179 -4.38 3.80 50.27
N GLN B 180 -3.56 2.77 50.50
CA GLN B 180 -3.79 1.88 51.62
C GLN B 180 -3.38 2.54 52.91
N GLU B 181 -2.24 3.24 52.92
CA GLU B 181 -1.84 4.02 54.10
C GLU B 181 -3.02 4.82 54.61
N ARG B 182 -3.66 5.58 53.72
CA ARG B 182 -4.83 6.37 54.10
C ARG B 182 -5.81 5.52 54.90
N TYR B 183 -6.41 4.52 54.25
CA TYR B 183 -7.54 3.78 54.86
C TYR B 183 -7.15 2.78 55.96
N SER B 184 -5.93 2.24 55.90
CA SER B 184 -5.41 1.31 56.91
C SER B 184 -5.16 2.00 58.26
N LYS B 185 -4.48 3.15 58.22
CA LYS B 185 -4.13 3.91 59.44
C LYS B 185 -5.24 4.87 59.93
N GLU B 186 -6.32 5.00 59.17
CA GLU B 186 -7.61 5.48 59.69
C GLU B 186 -8.25 4.40 60.55
N TYR B 187 -8.10 3.15 60.13
CA TYR B 187 -8.64 1.98 60.86
C TYR B 187 -7.75 1.40 61.97
N ILE B 188 -6.50 1.87 62.09
CA ILE B 188 -5.67 1.59 63.29
C ILE B 188 -6.13 2.44 64.47
N GLU B 189 -6.37 3.73 64.23
CA GLU B 189 -6.64 4.71 65.29
C GLU B 189 -8.08 4.65 65.80
N LYS B 190 -9.05 4.49 64.90
CA LYS B 190 -10.40 4.08 65.32
C LYS B 190 -10.24 2.73 66.01
N PHE B 191 -10.86 2.58 67.17
CA PHE B 191 -10.95 1.31 67.90
C PHE B 191 -9.64 0.91 68.62
N LYS B 192 -8.58 0.60 67.86
CA LYS B 192 -7.28 0.09 68.40
C LYS B 192 -7.34 -1.25 69.18
N ARG B 193 -8.04 -1.26 70.32
CA ARG B 193 -8.21 -2.47 71.15
C ARG B 193 -8.93 -3.66 70.47
N GLU B 194 -9.89 -3.37 69.61
CA GLU B 194 -10.72 -4.40 68.94
C GLU B 194 -9.98 -5.05 67.75
N GLY B 195 -9.68 -6.35 67.87
CA GLY B 195 -8.88 -7.08 66.90
C GLY B 195 -7.46 -6.53 66.76
N ASN B 196 -6.88 -6.10 67.88
CA ASN B 196 -5.66 -5.26 67.89
C ASN B 196 -4.50 -5.84 67.08
N GLU B 197 -3.84 -6.87 67.60
CA GLU B 197 -2.71 -7.51 66.88
C GLU B 197 -3.23 -8.38 65.73
N LYS B 198 -4.48 -8.84 65.82
CA LYS B 198 -5.08 -9.68 64.77
C LYS B 198 -5.31 -8.90 63.49
N GLU B 199 -6.02 -7.78 63.56
CA GLU B 199 -6.30 -6.94 62.41
C GLU B 199 -5.01 -6.35 61.85
N ILE B 200 -4.25 -5.69 62.72
CA ILE B 200 -3.13 -4.84 62.29
C ILE B 200 -2.00 -5.63 61.63
N GLN B 201 -1.80 -6.89 62.05
CA GLN B 201 -0.89 -7.78 61.35
C GLN B 201 -1.39 -8.07 59.94
N ARG B 202 -2.62 -8.59 59.85
CA ARG B 202 -3.21 -8.98 58.54
C ARG B 202 -3.42 -7.81 57.56
N ILE B 203 -3.39 -6.58 58.07
CA ILE B 203 -3.26 -5.37 57.25
C ILE B 203 -1.78 -5.12 56.90
N MET B 204 -0.90 -5.26 57.88
CA MET B 204 0.54 -5.12 57.67
C MET B 204 1.11 -6.22 56.73
N HIS B 205 0.51 -7.42 56.71
CA HIS B 205 0.94 -8.51 55.82
C HIS B 205 0.71 -8.13 54.37
N ASN B 206 -0.54 -7.77 54.09
CA ASN B 206 -0.95 -7.25 52.81
C ASN B 206 -0.05 -6.09 52.30
N TYR B 207 0.27 -5.15 53.20
CA TYR B 207 1.16 -4.00 52.91
C TYR B 207 2.58 -4.45 52.56
N ASP B 208 3.12 -5.38 53.34
CA ASP B 208 4.47 -5.87 53.08
C ASP B 208 4.59 -6.60 51.74
N LYS B 209 3.46 -7.10 51.21
CA LYS B 209 3.41 -7.58 49.80
C LYS B 209 3.54 -6.40 48.84
N LEU B 210 2.57 -5.50 48.94
CA LEU B 210 2.46 -4.34 48.06
C LEU B 210 3.79 -3.65 47.79
N LYS B 211 4.56 -3.38 48.84
CA LYS B 211 5.83 -2.69 48.69
C LYS B 211 6.95 -3.57 48.14
N SER B 212 7.12 -4.77 48.67
CA SER B 212 8.15 -5.68 48.15
C SER B 212 7.90 -6.06 46.68
N ARG B 213 6.61 -6.06 46.30
CA ARG B 213 6.16 -6.20 44.91
C ARG B 213 6.64 -5.02 44.07
N ILE B 214 6.29 -3.80 44.48
CA ILE B 214 6.78 -2.58 43.83
C ILE B 214 8.27 -2.72 43.56
N SER B 215 9.00 -3.18 44.58
CA SER B 215 10.45 -3.34 44.51
C SER B 215 10.88 -4.15 43.28
N GLU B 216 10.21 -5.29 43.06
CA GLU B 216 10.49 -6.18 41.89
C GLU B 216 10.25 -5.45 40.57
N ILE B 217 9.18 -4.65 40.53
CA ILE B 217 8.78 -3.94 39.31
C ILE B 217 9.87 -2.93 38.96
N ILE B 218 10.33 -2.18 39.96
CA ILE B 218 11.39 -1.19 39.77
C ILE B 218 12.69 -1.88 39.34
N ASP B 219 12.95 -3.08 39.88
CA ASP B 219 14.07 -3.90 39.41
C ASP B 219 13.83 -4.40 37.99
N SER B 220 12.60 -4.85 37.75
CA SER B 220 12.18 -5.26 36.41
C SER B 220 12.40 -4.18 35.36
N ARG B 221 12.11 -2.92 35.72
CA ARG B 221 12.33 -1.77 34.82
C ARG B 221 13.82 -1.46 34.60
N ARG B 222 14.58 -1.37 35.70
CA ARG B 222 16.02 -1.10 35.64
C ARG B 222 16.68 -2.04 34.64
N ARG B 223 16.46 -3.33 34.88
CA ARG B 223 16.98 -4.42 34.06
C ARG B 223 16.70 -4.19 32.58
N LEU B 224 15.50 -3.69 32.28
CA LEU B 224 15.12 -3.33 30.92
C LEU B 224 15.92 -2.14 30.41
N GLU B 225 16.05 -1.11 31.25
CA GLU B 225 16.80 0.10 30.89
C GLU B 225 18.25 -0.19 30.53
N GLU B 226 18.91 -0.98 31.38
CA GLU B 226 20.28 -1.38 31.10
C GLU B 226 20.38 -2.14 29.75
N ASP B 227 19.38 -2.95 29.43
CA ASP B 227 19.31 -3.62 28.10
C ASP B 227 19.12 -2.67 26.92
N LEU B 228 18.36 -1.59 27.16
CA LEU B 228 18.12 -0.56 26.16
C LEU B 228 19.42 0.11 25.70
N LYS B 229 20.33 0.35 26.65
CA LYS B 229 21.61 0.98 26.34
C LYS B 229 22.51 0.07 25.49
N LYS B 230 22.65 -1.19 25.90
CA LYS B 230 23.40 -2.19 25.11
C LYS B 230 22.83 -2.35 23.70
N GLN B 231 21.49 -2.44 23.63
CA GLN B 231 20.75 -2.38 22.36
C GLN B 231 21.06 -1.15 21.54
N ALA B 232 21.04 0.01 22.19
CA ALA B 232 21.38 1.26 21.53
C ALA B 232 22.84 1.26 21.04
N ALA B 233 23.74 0.69 21.85
CA ALA B 233 25.14 0.56 21.46
C ALA B 233 25.28 -0.24 20.16
N GLU B 234 24.71 -1.46 20.17
CA GLU B 234 24.68 -2.36 19.01
C GLU B 234 24.01 -1.72 17.79
N TYR B 235 22.91 -1.00 18.03
CA TYR B 235 22.24 -0.19 17.01
C TYR B 235 23.25 0.76 16.35
N ARG B 236 24.00 1.51 17.17
CA ARG B 236 25.08 2.40 16.68
C ARG B 236 26.12 1.62 15.90
N GLU B 237 26.59 0.52 16.48
CA GLU B 237 27.61 -0.32 15.84
C GLU B 237 27.25 -0.86 14.45
N ILE B 238 25.95 -1.10 14.21
CA ILE B 238 25.48 -1.60 12.90
C ILE B 238 25.57 -0.49 11.83
N ASP B 239 25.07 0.70 12.16
CA ASP B 239 25.09 1.86 11.23
C ASP B 239 26.54 2.20 10.89
N LYS B 240 27.36 2.24 11.94
CA LYS B 240 28.80 2.47 11.83
C LYS B 240 29.46 1.63 10.74
N ARG B 241 29.27 0.30 10.83
CA ARG B 241 29.82 -0.63 9.82
C ARG B 241 29.18 -0.46 8.45
N MET B 242 27.84 -0.35 8.43
CA MET B 242 27.11 -0.02 7.19
C MET B 242 27.74 1.14 6.44
N ASN B 243 28.05 2.22 7.18
CA ASN B 243 28.64 3.44 6.62
C ASN B 243 30.07 3.29 6.12
N SER B 244 30.76 2.24 6.56
CA SER B 244 32.07 1.89 6.05
C SER B 244 32.00 0.90 4.90
N ILE B 245 31.03 -0.01 4.94
CA ILE B 245 30.74 -0.86 3.78
C ILE B 245 30.29 -0.04 2.57
N LYS B 246 29.31 0.85 2.79
CA LYS B 246 28.67 1.67 1.73
C LYS B 246 29.57 2.32 0.64
N PRO B 247 30.69 2.99 1.05
CA PRO B 247 31.58 3.58 0.02
C PRO B 247 32.22 2.54 -0.88
N ASP B 248 32.70 1.47 -0.26
CA ASP B 248 33.40 0.41 -0.95
C ASP B 248 32.46 -0.53 -1.71
N LEU B 249 31.18 -0.57 -1.33
CA LEU B 249 30.15 -1.20 -2.17
C LEU B 249 30.10 -0.50 -3.54
N ILE B 250 30.14 0.83 -3.54
CA ILE B 250 29.96 1.62 -4.75
C ILE B 250 31.17 1.53 -5.69
N GLN B 251 32.38 1.45 -5.14
CA GLN B 251 33.59 1.31 -5.95
C GLN B 251 33.73 -0.05 -6.60
N LEU B 252 33.40 -1.10 -5.84
CA LEU B 252 33.21 -2.45 -6.39
C LEU B 252 32.18 -2.40 -7.53
N ARG B 253 31.02 -1.85 -7.23
CA ARG B 253 29.93 -1.75 -8.20
C ARG B 253 30.34 -0.96 -9.44
N LYS B 254 31.09 0.14 -9.25
CA LYS B 254 31.46 1.01 -10.36
C LYS B 254 32.52 0.41 -11.29
N THR B 255 33.51 -0.25 -10.71
CA THR B 255 34.56 -0.94 -11.48
C THR B 255 34.03 -2.16 -12.25
N ARG B 256 33.06 -2.87 -11.65
CA ARG B 256 32.35 -3.99 -12.31
C ARG B 256 31.67 -3.57 -13.62
N ASP B 257 31.16 -2.34 -13.66
CA ASP B 257 30.50 -1.82 -14.86
C ASP B 257 31.50 -1.28 -15.89
N GLN B 258 32.68 -0.85 -15.46
CA GLN B 258 33.76 -0.48 -16.39
C GLN B 258 34.47 -1.70 -16.98
N TYR B 259 34.67 -2.73 -16.15
CA TYR B 259 35.10 -4.04 -16.65
C TYR B 259 34.12 -4.60 -17.69
N LEU B 260 32.83 -4.58 -17.35
CA LEU B 260 31.77 -5.10 -18.23
C LEU B 260 31.48 -4.16 -19.43
N MET B 261 31.85 -2.88 -19.32
CA MET B 261 31.81 -1.94 -20.47
C MET B 261 32.85 -2.30 -21.54
N TRP B 262 34.10 -2.53 -21.13
CA TRP B 262 35.20 -2.84 -22.06
C TRP B 262 34.98 -4.12 -22.88
N LEU B 263 34.37 -5.13 -22.26
CA LEU B 263 34.08 -6.41 -22.94
C LEU B 263 33.13 -6.21 -24.14
N THR B 264 32.06 -5.46 -23.92
CA THR B 264 31.07 -5.16 -24.97
C THR B 264 31.50 -4.05 -25.97
N GLN B 265 32.81 -3.83 -26.14
CA GLN B 265 33.37 -3.02 -27.22
C GLN B 265 33.93 -3.93 -28.34
N ASN B 274 26.39 -14.63 -19.14
CA ASN B 274 25.51 -14.82 -17.97
C ASN B 274 26.10 -15.74 -16.90
N GLU B 275 26.85 -16.77 -17.31
CA GLU B 275 27.36 -17.78 -16.37
C GLU B 275 28.42 -17.21 -15.40
N TRP B 276 29.18 -16.21 -15.84
CA TRP B 276 30.02 -15.40 -14.95
C TRP B 276 29.16 -14.63 -13.96
N LEU B 277 28.12 -13.97 -14.48
CA LEU B 277 27.19 -13.19 -13.67
C LEU B 277 26.18 -14.10 -12.96
#